data_6YVI
#
_entry.id   6YVI
#
_cell.length_a   85.888
_cell.length_b   86.528
_cell.length_c   97.186
_cell.angle_alpha   90.000
_cell.angle_beta   90.000
_cell.angle_gamma   90.000
#
_symmetry.space_group_name_H-M   'P 21 21 21'
#
loop_
_entity.id
_entity.type
_entity.pdbx_description
1 polymer 'Polycomb protein EED'
2 non-polymer 'CALCIUM ION'
3 non-polymer N-(2,3-dihydro-1-benzofuran-4-ylmethyl)-8-(4-methylsulfonylphenyl)-[1,2,4]triazolo[4,3-c]pyrimidin-5-amine
4 non-polymer 5-fluoranyl-4-[[[8-(2-methylpyridin-3-yl)-[1,2,4]triazolo[4,3-c]pyrimidin-5-yl]amino]methyl]-2,3-dihydro-1-benzofuran-7-carbonitrile
5 water water
#
_entity_poly.entity_id   1
_entity_poly.type   'polypeptide(L)'
_entity_poly.pdbx_seq_one_letter_code
;KKCKYSFKCVNSLKEDHNQPLFGVQFNWHSKEGDPLVFATVGSNRVTLYECHSQGEIRLLQSYVDADADENFYTCAWTYD
SNTSHPLLAVAGSRGIIRIINPITMQCIKHYVGHGNAINELKFHPRDPNLLLSVSKDHALRLWNIQTDTLVAIFGGVEGH
RDEVLSADYDLLGEKIMSCGMDHSLKLWRINSKRMMNAIKESYDYNPNKTNRPFISQKIHFPDFSTRDIHRNYVDCVRWL
GDLILSKSCENAIVCWKPGKMEDDIDKIKPSESNVTILGRFDYSQCDIWYMRFSMDFWQKMLALGNQVGKLYVWDLEVED
PHKAKCTTLTHHKCGAAIRQTSFSRDSSILIAVCDDASIWRWDRLR
;
_entity_poly.pdbx_strand_id   A,B
#
loop_
_chem_comp.id
_chem_comp.type
_chem_comp.name
_chem_comp.formula
CA non-polymer 'CALCIUM ION' 'Ca 2'
L9W non-polymer N-(2,3-dihydro-1-benzofuran-4-ylmethyl)-8-(4-methylsulfonylphenyl)-[1,2,4]triazolo[4,3-c]pyrimidin-5-amine 'C21 H19 N5 O3 S'
PV5 non-polymer 5-fluoranyl-4-[[[8-(2-methylpyridin-3-yl)-[1,2,4]triazolo[4,3-c]pyrimidin-5-yl]amino]methyl]-2,3-dihydro-1-benzofuran-7-carbonitrile 'C21 H16 F N7 O'
#
# COMPACT_ATOMS: atom_id res chain seq x y z
N PHE A 7 24.85 -6.70 -6.82
CA PHE A 7 24.55 -7.55 -5.66
C PHE A 7 23.83 -8.88 -5.95
N LYS A 8 24.32 -9.97 -5.32
CA LYS A 8 23.70 -11.29 -5.42
C LYS A 8 23.38 -11.81 -4.01
N CYS A 9 22.22 -12.50 -3.84
CA CYS A 9 21.84 -13.07 -2.55
C CYS A 9 22.60 -14.37 -2.40
N VAL A 10 23.53 -14.42 -1.45
CA VAL A 10 24.41 -15.57 -1.25
C VAL A 10 24.02 -16.44 -0.06
N ASN A 11 23.13 -15.95 0.82
CA ASN A 11 22.67 -16.69 1.99
C ASN A 11 21.42 -16.05 2.61
N SER A 12 20.74 -16.83 3.46
CA SER A 12 19.50 -16.48 4.14
C SER A 12 19.33 -17.39 5.34
N LEU A 13 18.74 -16.87 6.43
CA LEU A 13 18.41 -17.64 7.64
C LEU A 13 17.26 -16.99 8.41
N LYS A 14 16.56 -17.78 9.22
CA LYS A 14 15.43 -17.31 10.05
C LYS A 14 15.80 -17.56 11.53
N GLU A 15 15.58 -16.56 12.41
CA GLU A 15 15.84 -16.67 13.84
C GLU A 15 14.66 -17.42 14.50
N ASP A 16 14.95 -18.38 15.39
CA ASP A 16 13.97 -19.30 15.98
C ASP A 16 12.81 -18.63 16.80
N HIS A 17 12.96 -17.38 17.24
CA HIS A 17 11.92 -16.67 18.01
C HIS A 17 10.69 -16.25 17.18
N ASN A 18 10.87 -16.12 15.86
CA ASN A 18 9.85 -15.81 14.84
C ASN A 18 9.23 -14.42 14.93
N GLN A 19 9.76 -13.60 15.81
CA GLN A 19 9.31 -12.23 15.99
C GLN A 19 10.01 -11.31 14.98
N PRO A 20 9.39 -10.16 14.61
CA PRO A 20 10.06 -9.26 13.66
C PRO A 20 11.42 -8.79 14.14
N LEU A 21 12.34 -8.64 13.18
CA LEU A 21 13.68 -8.08 13.45
C LEU A 21 13.58 -6.60 13.07
N PHE A 22 13.84 -5.71 14.05
CA PHE A 22 13.67 -4.27 13.87
C PHE A 22 14.95 -3.49 13.66
N GLY A 23 16.07 -4.09 14.00
CA GLY A 23 17.37 -3.47 13.83
C GLY A 23 18.44 -4.44 13.41
N VAL A 24 19.45 -3.90 12.68
CA VAL A 24 20.62 -4.61 12.19
C VAL A 24 21.73 -3.61 12.02
N GLN A 25 22.91 -3.96 12.56
CA GLN A 25 24.08 -3.11 12.50
C GLN A 25 25.33 -3.91 12.32
N PHE A 26 26.08 -3.63 11.27
CA PHE A 26 27.41 -4.20 11.16
C PHE A 26 28.28 -3.41 12.17
N ASN A 27 29.35 -4.06 12.71
CA ASN A 27 30.27 -3.36 13.58
C ASN A 27 31.30 -2.74 12.65
N TRP A 28 31.34 -1.41 12.59
CA TRP A 28 32.29 -0.71 11.71
C TRP A 28 33.60 -0.40 12.39
N HIS A 29 33.72 -0.76 13.69
CA HIS A 29 34.90 -0.52 14.52
C HIS A 29 35.87 -1.69 14.54
N SER A 30 35.79 -2.58 13.52
CA SER A 30 36.68 -3.75 13.40
C SER A 30 37.77 -3.48 12.36
N LYS A 31 39.02 -4.01 12.57
CA LYS A 31 40.16 -3.81 11.66
C LYS A 31 39.98 -4.54 10.31
N GLU A 32 40.87 -4.26 9.32
CA GLU A 32 40.82 -4.98 8.03
C GLU A 32 41.51 -6.34 8.27
N GLY A 33 40.86 -7.43 7.88
CA GLY A 33 41.38 -8.77 8.15
C GLY A 33 40.89 -9.30 9.49
N ASP A 34 40.11 -8.48 10.22
CA ASP A 34 39.46 -8.81 11.48
C ASP A 34 38.08 -9.41 11.06
N PRO A 35 37.33 -10.10 11.96
CA PRO A 35 36.04 -10.68 11.55
C PRO A 35 34.93 -9.67 11.23
N LEU A 36 34.15 -9.89 10.14
CA LEU A 36 33.01 -9.04 9.76
C LEU A 36 31.82 -9.46 10.61
N VAL A 37 31.48 -8.68 11.63
CA VAL A 37 30.40 -9.01 12.54
C VAL A 37 29.19 -8.06 12.41
N PHE A 38 27.97 -8.61 12.55
CA PHE A 38 26.73 -7.82 12.57
C PHE A 38 25.82 -8.26 13.70
N ALA A 39 25.02 -7.34 14.21
CA ALA A 39 24.08 -7.63 15.28
C ALA A 39 22.64 -7.50 14.76
N THR A 40 21.71 -8.29 15.32
CA THR A 40 20.29 -8.16 14.98
C THR A 40 19.51 -7.99 16.28
N VAL A 41 18.43 -7.20 16.25
CA VAL A 41 17.55 -6.99 17.42
C VAL A 41 16.13 -7.27 17.04
N GLY A 42 15.48 -8.03 17.89
CA GLY A 42 14.08 -8.42 17.75
C GLY A 42 13.70 -9.21 18.98
N SER A 43 12.39 -9.27 19.29
CA SER A 43 11.85 -9.94 20.50
C SER A 43 12.64 -9.37 21.71
N ASN A 44 13.09 -10.22 22.66
CA ASN A 44 13.92 -9.76 23.79
C ASN A 44 15.37 -10.22 23.54
N ARG A 45 15.82 -10.19 22.26
CA ARG A 45 17.13 -10.71 21.94
C ARG A 45 17.98 -9.83 21.04
N VAL A 46 19.30 -10.00 21.21
CA VAL A 46 20.38 -9.35 20.48
C VAL A 46 21.26 -10.49 20.01
N THR A 47 21.37 -10.71 18.71
CA THR A 47 22.16 -11.83 18.19
C THR A 47 23.35 -11.36 17.33
N LEU A 48 24.55 -11.95 17.59
CA LEU A 48 25.78 -11.66 16.87
C LEU A 48 26.07 -12.69 15.80
N TYR A 49 26.55 -12.21 14.64
CA TYR A 49 26.85 -13.06 13.50
C TYR A 49 28.15 -12.65 12.85
N GLU A 50 28.88 -13.62 12.28
CA GLU A 50 30.14 -13.38 11.59
C GLU A 50 29.98 -13.76 10.10
N CYS A 51 30.38 -12.86 9.20
CA CYS A 51 30.29 -13.09 7.74
C CYS A 51 31.59 -13.68 7.26
N HIS A 52 31.51 -14.82 6.61
CA HIS A 52 32.67 -15.53 6.10
C HIS A 52 32.68 -15.68 4.59
N SER A 53 33.77 -16.27 4.08
CA SER A 53 34.00 -16.58 2.68
C SER A 53 32.87 -17.43 2.09
N GLN A 54 32.55 -17.15 0.82
CA GLN A 54 31.55 -17.82 0.01
C GLN A 54 30.12 -17.75 0.65
N GLY A 55 29.77 -16.58 1.19
CA GLY A 55 28.46 -16.28 1.75
C GLY A 55 28.07 -16.91 3.06
N GLU A 56 29.01 -17.54 3.77
CA GLU A 56 28.74 -18.19 5.07
C GLU A 56 28.39 -17.17 6.18
N ILE A 57 27.34 -17.48 6.97
CA ILE A 57 26.94 -16.68 8.12
C ILE A 57 27.09 -17.62 9.33
N ARG A 58 27.94 -17.23 10.26
CA ARG A 58 28.25 -18.00 11.45
C ARG A 58 27.60 -17.33 12.65
N LEU A 59 26.79 -18.06 13.42
CA LEU A 59 26.19 -17.51 14.62
C LEU A 59 27.23 -17.53 15.73
N LEU A 60 27.54 -16.34 16.29
CA LEU A 60 28.54 -16.21 17.35
C LEU A 60 27.90 -16.42 18.70
N GLN A 61 26.93 -15.58 19.07
CA GLN A 61 26.23 -15.67 20.35
C GLN A 61 24.96 -14.85 20.32
N SER A 62 24.06 -15.11 21.26
CA SER A 62 22.84 -14.32 21.45
C SER A 62 22.77 -13.81 22.91
N TYR A 63 22.20 -12.61 23.11
CA TYR A 63 21.90 -12.07 24.42
C TYR A 63 20.37 -12.14 24.55
N VAL A 64 19.86 -12.86 25.54
CA VAL A 64 18.43 -12.93 25.77
C VAL A 64 18.15 -12.12 27.04
N ASP A 65 17.35 -11.08 26.93
CA ASP A 65 17.01 -10.25 28.07
C ASP A 65 16.13 -11.01 29.08
N ALA A 66 16.32 -10.72 30.36
CA ALA A 66 15.59 -11.27 31.50
C ALA A 66 14.07 -11.10 31.32
N ASP A 67 13.63 -9.91 30.88
CA ASP A 67 12.22 -9.61 30.66
C ASP A 67 11.82 -10.27 29.38
N ALA A 68 10.80 -11.12 29.43
CA ALA A 68 10.29 -11.76 28.23
C ALA A 68 9.47 -10.77 27.38
N ASP A 69 8.90 -9.74 28.03
CA ASP A 69 8.06 -8.76 27.35
C ASP A 69 8.86 -7.52 26.88
N GLU A 70 10.19 -7.55 26.99
CA GLU A 70 11.04 -6.48 26.47
C GLU A 70 11.13 -6.67 24.94
N ASN A 71 10.91 -5.60 24.18
CA ASN A 71 10.99 -5.63 22.72
C ASN A 71 12.05 -4.65 22.23
N PHE A 72 13.25 -5.20 21.87
CA PHE A 72 14.36 -4.38 21.36
C PHE A 72 14.02 -3.84 19.97
N TYR A 73 14.22 -2.53 19.79
CA TYR A 73 13.87 -1.80 18.55
C TYR A 73 15.07 -1.26 17.86
N THR A 74 16.20 -1.11 18.59
CA THR A 74 17.41 -0.50 18.08
C THR A 74 18.63 -1.03 18.79
N CYS A 75 19.80 -0.87 18.13
CA CYS A 75 21.13 -1.21 18.64
C CYS A 75 22.17 -0.36 17.94
N ALA A 76 23.30 -0.11 18.60
CA ALA A 76 24.40 0.69 18.04
C ALA A 76 25.76 0.21 18.57
N TRP A 77 26.81 0.24 17.72
CA TRP A 77 28.16 -0.20 18.15
C TRP A 77 29.04 0.95 18.58
N THR A 78 29.89 0.71 19.58
CA THR A 78 30.91 1.63 20.05
C THR A 78 32.14 0.81 20.45
N TYR A 79 33.20 1.48 20.92
CA TYR A 79 34.42 0.84 21.37
C TYR A 79 34.86 1.50 22.65
N ASP A 80 35.59 0.75 23.51
CA ASP A 80 36.13 1.32 24.74
C ASP A 80 37.36 2.14 24.31
N SER A 81 37.33 3.50 24.44
CA SER A 81 38.48 4.34 23.99
C SER A 81 39.84 3.83 24.46
N ASN A 82 39.91 3.36 25.73
CA ASN A 82 41.13 2.89 26.39
C ASN A 82 41.69 1.54 25.89
N THR A 83 40.83 0.61 25.44
CA THR A 83 41.28 -0.73 25.00
C THR A 83 40.96 -1.07 23.54
N SER A 84 40.04 -0.28 22.90
CA SER A 84 39.49 -0.40 21.55
C SER A 84 38.60 -1.67 21.39
N HIS A 85 38.18 -2.27 22.54
CA HIS A 85 37.29 -3.42 22.52
C HIS A 85 35.86 -2.98 22.23
N PRO A 86 35.15 -3.71 21.32
CA PRO A 86 33.81 -3.25 20.96
C PRO A 86 32.79 -3.43 22.07
N LEU A 87 31.78 -2.58 22.04
CA LEU A 87 30.64 -2.57 22.96
C LEU A 87 29.43 -2.40 22.07
N LEU A 88 28.27 -2.83 22.58
CA LEU A 88 27.01 -2.78 21.86
C LEU A 88 25.92 -2.25 22.79
N ALA A 89 25.22 -1.22 22.33
CA ALA A 89 24.11 -0.63 23.07
C ALA A 89 22.80 -1.07 22.45
N VAL A 90 21.84 -1.47 23.27
CA VAL A 90 20.54 -1.92 22.80
C VAL A 90 19.45 -1.30 23.66
N ALA A 91 18.24 -1.13 23.11
CA ALA A 91 17.10 -0.58 23.84
C ALA A 91 15.84 -0.84 23.03
N GLY A 92 14.69 -0.60 23.64
CA GLY A 92 13.40 -0.80 23.00
C GLY A 92 12.24 -0.35 23.86
N SER A 93 11.14 -1.13 23.83
CA SER A 93 9.86 -0.85 24.51
C SER A 93 9.95 -0.59 26.02
N ARG A 94 10.98 -1.10 26.70
CA ARG A 94 11.09 -0.86 28.13
C ARG A 94 11.71 0.49 28.48
N GLY A 95 12.33 1.14 27.48
CA GLY A 95 12.98 2.43 27.67
C GLY A 95 14.23 2.38 28.53
N ILE A 96 14.83 1.17 28.66
CA ILE A 96 16.08 0.87 29.35
C ILE A 96 17.17 0.66 28.26
N ILE A 97 18.32 1.34 28.41
CA ILE A 97 19.49 1.20 27.54
C ILE A 97 20.33 0.10 28.17
N ARG A 98 20.76 -0.89 27.38
CA ARG A 98 21.64 -1.94 27.90
C ARG A 98 22.97 -1.92 27.15
N ILE A 99 24.07 -1.92 27.89
CA ILE A 99 25.42 -1.97 27.31
C ILE A 99 25.88 -3.41 27.47
N ILE A 100 26.05 -4.10 26.33
CA ILE A 100 26.44 -5.50 26.23
C ILE A 100 27.93 -5.64 25.81
N ASN A 101 28.67 -6.54 26.47
CA ASN A 101 30.04 -6.88 26.13
C ASN A 101 29.92 -7.89 24.96
N PRO A 102 30.21 -7.58 23.68
CA PRO A 102 29.94 -8.57 22.60
C PRO A 102 30.73 -9.86 22.69
N ILE A 103 31.82 -9.85 23.50
CA ILE A 103 32.69 -11.02 23.62
C ILE A 103 31.96 -12.10 24.40
N THR A 104 31.30 -11.67 25.49
CA THR A 104 30.61 -12.53 26.46
C THR A 104 29.10 -12.40 26.41
N MET A 105 28.58 -11.53 25.51
CA MET A 105 27.16 -11.20 25.33
C MET A 105 26.46 -10.93 26.65
N GLN A 106 27.21 -10.39 27.61
CA GLN A 106 26.75 -10.06 28.95
C GLN A 106 26.56 -8.57 29.13
N CYS A 107 25.55 -8.20 29.91
CA CYS A 107 25.18 -6.84 30.19
C CYS A 107 26.12 -6.25 31.22
N ILE A 108 26.97 -5.32 30.77
CA ILE A 108 27.96 -4.57 31.56
C ILE A 108 27.22 -3.59 32.48
N LYS A 109 26.31 -2.77 31.92
CA LYS A 109 25.54 -1.76 32.65
C LYS A 109 24.26 -1.34 31.90
N HIS A 110 23.35 -0.69 32.62
CA HIS A 110 22.08 -0.26 32.06
C HIS A 110 21.75 1.20 32.45
N TYR A 111 21.00 1.92 31.57
CA TYR A 111 20.58 3.27 31.87
C TYR A 111 19.08 3.38 31.83
N VAL A 112 18.50 3.81 32.94
CA VAL A 112 17.07 4.09 33.10
C VAL A 112 16.92 5.63 33.11
N GLY A 113 15.85 6.15 32.54
CA GLY A 113 15.64 7.59 32.47
C GLY A 113 14.41 7.97 31.68
N HIS A 114 14.35 7.54 30.39
CA HIS A 114 13.22 7.78 29.50
C HIS A 114 11.88 7.28 30.10
N GLY A 115 10.84 8.10 29.90
CA GLY A 115 9.48 7.85 30.39
C GLY A 115 8.61 7.04 29.45
N ASN A 116 9.27 6.27 28.52
CA ASN A 116 8.67 5.42 27.49
C ASN A 116 9.75 4.76 26.64
N ALA A 117 9.34 3.93 25.65
CA ALA A 117 10.25 3.19 24.75
C ALA A 117 11.27 4.04 24.01
N ILE A 118 12.43 3.45 23.71
CA ILE A 118 13.52 4.08 22.95
C ILE A 118 13.47 3.58 21.51
N ASN A 119 13.33 4.50 20.55
CA ASN A 119 13.18 4.16 19.13
C ASN A 119 14.48 4.08 18.36
N GLU A 120 15.50 4.84 18.75
CA GLU A 120 16.81 4.78 18.11
C GLU A 120 17.92 5.14 19.08
N LEU A 121 19.10 4.54 18.86
CA LEU A 121 20.34 4.76 19.63
C LEU A 121 21.43 5.14 18.65
N LYS A 122 22.22 6.20 18.95
CA LYS A 122 23.32 6.62 18.10
C LYS A 122 24.50 7.06 18.90
N PHE A 123 25.70 6.55 18.54
CA PHE A 123 26.94 6.96 19.16
C PHE A 123 27.51 8.14 18.43
N HIS A 124 28.09 9.12 19.18
CA HIS A 124 28.73 10.30 18.66
C HIS A 124 29.88 9.89 17.72
N PRO A 125 29.94 10.46 16.49
CA PRO A 125 30.99 10.05 15.53
C PRO A 125 32.43 10.25 15.92
N ARG A 126 32.72 11.02 16.96
CA ARG A 126 34.07 11.30 17.43
C ARG A 126 34.30 10.75 18.84
N ASP A 127 33.29 10.92 19.72
CA ASP A 127 33.40 10.56 21.13
C ASP A 127 32.62 9.28 21.38
N PRO A 128 33.33 8.13 21.46
CA PRO A 128 32.63 6.84 21.60
C PRO A 128 31.82 6.67 22.89
N ASN A 129 32.05 7.55 23.88
CA ASN A 129 31.33 7.48 25.15
C ASN A 129 29.98 8.19 25.11
N LEU A 130 29.72 8.99 24.06
CA LEU A 130 28.49 9.78 23.93
C LEU A 130 27.42 9.04 23.13
N LEU A 131 26.40 8.58 23.86
CA LEU A 131 25.25 7.84 23.36
C LEU A 131 23.98 8.72 23.38
N LEU A 132 23.37 8.85 22.20
CA LEU A 132 22.13 9.58 21.98
C LEU A 132 21.00 8.59 21.90
N SER A 133 19.94 8.79 22.71
CA SER A 133 18.72 7.97 22.65
C SER A 133 17.48 8.82 22.29
N VAL A 134 16.58 8.28 21.43
CA VAL A 134 15.33 8.97 21.06
C VAL A 134 14.15 8.18 21.58
N SER A 135 13.18 8.85 22.18
CA SER A 135 12.09 8.14 22.82
C SER A 135 10.68 8.59 22.48
N LYS A 136 9.72 7.71 22.83
CA LYS A 136 8.27 7.89 22.75
C LYS A 136 7.77 8.91 23.78
N ASP A 137 8.63 9.28 24.75
CA ASP A 137 8.34 10.30 25.76
C ASP A 137 8.54 11.78 25.21
N HIS A 138 8.87 11.94 23.88
CA HIS A 138 9.01 13.21 23.12
C HIS A 138 10.41 13.85 23.18
N ALA A 139 11.29 13.27 23.99
CA ALA A 139 12.63 13.78 24.21
C ALA A 139 13.75 12.92 23.67
N LEU A 140 14.88 13.58 23.49
CA LEU A 140 16.15 12.99 23.15
C LEU A 140 17.01 13.09 24.41
N ARG A 141 17.90 12.15 24.61
CA ARG A 141 18.78 12.16 25.78
C ARG A 141 20.20 11.87 25.32
N LEU A 142 21.16 12.66 25.85
CA LEU A 142 22.58 12.46 25.55
C LEU A 142 23.26 11.94 26.83
N TRP A 143 23.81 10.73 26.75
CA TRP A 143 24.48 10.05 27.85
C TRP A 143 25.99 10.00 27.66
N ASN A 144 26.74 10.05 28.76
CA ASN A 144 28.18 9.83 28.78
C ASN A 144 28.31 8.48 29.45
N ILE A 145 28.53 7.43 28.66
CA ILE A 145 28.56 6.04 29.14
C ILE A 145 29.89 5.68 29.85
N GLN A 146 30.84 6.62 29.96
CA GLN A 146 32.09 6.35 30.66
C GLN A 146 31.91 6.73 32.13
N THR A 147 31.23 7.87 32.38
CA THR A 147 30.97 8.38 33.73
C THR A 147 29.54 8.06 34.17
N ASP A 148 28.80 7.32 33.32
CA ASP A 148 27.40 6.96 33.55
C ASP A 148 26.58 8.19 33.90
N THR A 149 26.62 9.22 33.05
CA THR A 149 25.89 10.46 33.32
C THR A 149 24.94 10.82 32.17
N LEU A 150 23.86 11.52 32.52
CA LEU A 150 22.91 12.07 31.57
C LEU A 150 23.42 13.49 31.33
N VAL A 151 24.05 13.72 30.20
CA VAL A 151 24.64 15.03 29.87
C VAL A 151 23.56 16.11 29.67
N ALA A 152 22.51 15.77 28.87
CA ALA A 152 21.42 16.65 28.47
C ALA A 152 20.17 15.88 28.07
N ILE A 153 18.98 16.55 28.26
CA ILE A 153 17.64 16.11 27.81
C ILE A 153 17.16 17.14 26.80
N PHE A 154 16.94 16.71 25.55
CA PHE A 154 16.46 17.61 24.47
C PHE A 154 14.95 17.49 24.32
N GLY A 155 14.24 18.52 24.69
CA GLY A 155 12.79 18.52 24.59
C GLY A 155 12.10 19.38 25.61
N GLY A 156 10.79 19.36 25.55
CA GLY A 156 9.97 20.12 26.45
C GLY A 156 9.02 21.00 25.68
N VAL A 157 9.10 22.30 25.93
CA VAL A 157 8.22 23.29 25.33
C VAL A 157 8.31 23.30 23.77
N GLU A 158 9.46 23.72 23.20
CA GLU A 158 9.65 23.77 21.75
C GLU A 158 10.32 22.50 21.17
N GLY A 159 10.36 21.45 21.97
CA GLY A 159 10.87 20.18 21.50
C GLY A 159 9.76 19.44 20.78
N HIS A 160 9.98 18.15 20.46
CA HIS A 160 8.98 17.34 19.77
C HIS A 160 7.70 17.26 20.57
N ARG A 161 6.56 17.33 19.86
CA ARG A 161 5.20 17.35 20.45
C ARG A 161 4.53 15.99 20.46
N ASP A 162 5.26 14.98 19.97
CA ASP A 162 4.85 13.58 19.93
C ASP A 162 6.13 12.70 19.93
N GLU A 163 5.98 11.34 19.88
CA GLU A 163 7.06 10.34 19.89
C GLU A 163 8.20 10.62 18.90
N VAL A 164 9.45 10.51 19.36
CA VAL A 164 10.62 10.74 18.50
C VAL A 164 11.00 9.39 17.91
N LEU A 165 11.12 9.34 16.57
CA LEU A 165 11.39 8.05 15.90
C LEU A 165 12.81 7.84 15.43
N SER A 166 13.58 8.93 15.29
CA SER A 166 14.93 8.90 14.70
C SER A 166 15.69 10.18 14.98
N ALA A 167 17.02 10.07 14.95
CA ALA A 167 17.99 11.15 15.08
C ALA A 167 19.30 10.70 14.49
N ASP A 168 20.14 11.66 14.14
CA ASP A 168 21.43 11.39 13.58
C ASP A 168 22.33 12.58 13.85
N TYR A 169 23.60 12.30 14.15
CA TYR A 169 24.60 13.35 14.29
C TYR A 169 25.11 13.70 12.90
N ASP A 170 25.63 14.91 12.70
CA ASP A 170 26.25 15.32 11.46
C ASP A 170 27.61 14.67 11.42
N LEU A 171 28.39 14.87 10.35
CA LEU A 171 29.69 14.25 10.14
C LEU A 171 30.62 14.28 11.36
N LEU A 172 30.66 15.39 12.06
CA LEU A 172 31.58 15.60 13.20
C LEU A 172 30.94 15.60 14.57
N GLY A 173 29.62 15.46 14.65
CA GLY A 173 28.92 15.42 15.92
C GLY A 173 28.85 16.76 16.61
N GLU A 174 28.68 17.83 15.83
CA GLU A 174 28.50 19.21 16.32
C GLU A 174 27.00 19.53 16.49
N LYS A 175 26.14 18.76 15.81
CA LYS A 175 24.68 18.93 15.81
C LYS A 175 23.98 17.62 15.53
N ILE A 176 22.72 17.53 15.99
CA ILE A 176 21.81 16.41 15.87
C ILE A 176 20.60 16.88 15.11
N MET A 177 20.04 16.03 14.26
CA MET A 177 18.76 16.27 13.65
C MET A 177 17.89 15.11 14.12
N SER A 178 16.67 15.42 14.60
CA SER A 178 15.69 14.46 15.08
C SER A 178 14.36 14.65 14.38
N CYS A 179 13.54 13.58 14.37
CA CYS A 179 12.23 13.57 13.74
C CYS A 179 11.28 12.59 14.43
N GLY A 180 9.99 12.75 14.21
CA GLY A 180 9.03 11.83 14.80
C GLY A 180 7.62 11.93 14.28
N MET A 181 6.66 11.52 15.15
CA MET A 181 5.22 11.50 14.88
C MET A 181 4.61 12.88 14.76
N ASP A 182 5.29 13.95 15.22
CA ASP A 182 4.76 15.31 15.11
C ASP A 182 5.01 15.92 13.72
N HIS A 183 5.59 15.12 12.78
CA HIS A 183 5.92 15.48 11.39
C HIS A 183 7.18 16.36 11.28
N SER A 184 7.64 16.91 12.41
CA SER A 184 8.73 17.84 12.37
C SER A 184 10.09 17.22 12.32
N LEU A 185 11.08 18.01 11.83
CA LEU A 185 12.50 17.71 11.82
C LEU A 185 13.17 18.86 12.59
N LYS A 186 13.82 18.55 13.76
CA LYS A 186 14.45 19.53 14.66
C LYS A 186 15.93 19.40 14.77
N LEU A 187 16.62 20.55 14.68
CA LEU A 187 18.07 20.64 14.77
C LEU A 187 18.49 21.02 16.18
N TRP A 188 19.50 20.31 16.74
CA TRP A 188 20.00 20.63 18.07
C TRP A 188 21.51 20.66 18.04
N ARG A 189 22.07 21.87 18.20
CA ARG A 189 23.51 22.08 18.24
C ARG A 189 24.08 21.64 19.59
N ILE A 190 25.19 20.85 19.54
CA ILE A 190 25.88 20.33 20.73
C ILE A 190 27.34 20.87 20.77
N ASN A 191 27.66 21.83 19.91
CA ASN A 191 28.98 22.50 19.88
C ASN A 191 28.84 23.93 20.47
N SER A 192 27.71 24.20 21.16
CA SER A 192 27.46 25.43 21.89
C SER A 192 28.35 25.46 23.13
N LYS A 193 28.59 26.66 23.71
CA LYS A 193 29.42 26.75 24.89
C LYS A 193 28.79 25.90 26.01
N ARG A 194 27.47 26.05 26.20
CA ARG A 194 26.65 25.35 27.18
C ARG A 194 26.77 23.82 27.04
N MET A 195 26.60 23.29 25.81
CA MET A 195 26.72 21.85 25.55
C MET A 195 28.15 21.32 25.70
N MET A 196 29.16 22.10 25.25
CA MET A 196 30.54 21.64 25.41
C MET A 196 30.98 21.66 26.85
N ASN A 197 30.50 22.64 27.63
CA ASN A 197 30.84 22.66 29.05
C ASN A 197 30.19 21.49 29.74
N ALA A 198 28.95 21.13 29.34
CA ALA A 198 28.23 19.97 29.91
C ALA A 198 28.96 18.65 29.61
N ILE A 199 29.45 18.48 28.37
CA ILE A 199 30.22 17.28 27.99
C ILE A 199 31.51 17.18 28.79
N LYS A 200 32.24 18.28 28.96
CA LYS A 200 33.49 18.40 29.73
C LYS A 200 33.19 18.07 31.20
N GLU A 201 32.20 18.76 31.76
CA GLU A 201 31.72 18.58 33.14
C GLU A 201 31.35 17.15 33.46
N SER A 202 30.65 16.47 32.53
CA SER A 202 30.22 15.08 32.63
C SER A 202 31.39 14.12 32.77
N TYR A 203 32.58 14.49 32.26
CA TYR A 203 33.76 13.66 32.36
C TYR A 203 34.45 13.79 33.72
N ASP A 204 34.19 14.90 34.42
CA ASP A 204 34.76 15.14 35.73
C ASP A 204 33.80 14.60 36.81
N TYR A 205 32.60 14.11 36.43
CA TYR A 205 31.71 13.63 37.47
C TYR A 205 31.96 12.21 37.91
N ASN A 206 31.93 11.98 39.22
CA ASN A 206 32.05 10.66 39.83
C ASN A 206 31.21 10.68 41.09
N PRO A 207 30.18 9.82 41.16
CA PRO A 207 29.29 9.83 42.34
C PRO A 207 30.03 9.47 43.64
N ASN A 208 31.27 8.95 43.52
CA ASN A 208 32.08 8.60 44.69
C ASN A 208 32.84 9.75 45.27
N LYS A 209 33.04 10.85 44.52
CA LYS A 209 33.78 11.98 45.08
C LYS A 209 32.83 13.14 45.50
N THR A 210 31.51 12.98 45.28
CA THR A 210 30.49 13.97 45.65
C THR A 210 29.20 13.31 46.16
N ASN A 211 28.37 14.04 46.91
CA ASN A 211 27.09 13.48 47.35
C ASN A 211 25.93 14.18 46.68
N ARG A 212 26.22 15.19 45.85
CA ARG A 212 25.24 15.94 45.07
C ARG A 212 25.05 15.24 43.69
N PRO A 213 23.84 15.20 43.08
CA PRO A 213 23.73 14.55 41.74
C PRO A 213 24.37 15.34 40.62
N PHE A 214 24.63 14.68 39.47
CA PHE A 214 25.07 15.41 38.31
C PHE A 214 23.80 16.06 37.71
N ILE A 215 23.89 17.36 37.38
CA ILE A 215 22.78 18.10 36.78
C ILE A 215 22.84 18.07 35.25
N SER A 216 21.79 17.54 34.63
CA SER A 216 21.65 17.47 33.18
C SER A 216 21.21 18.81 32.63
N GLN A 217 21.68 19.12 31.40
CA GLN A 217 21.25 20.35 30.70
C GLN A 217 19.89 20.06 30.24
N LYS A 218 18.96 20.97 30.50
CA LYS A 218 17.60 20.82 30.04
C LYS A 218 17.45 21.74 28.84
N ILE A 219 17.60 21.20 27.60
CA ILE A 219 17.54 21.99 26.33
C ILE A 219 16.09 22.02 25.80
N HIS A 220 15.39 23.11 26.09
CA HIS A 220 13.96 23.22 25.74
C HIS A 220 13.65 23.74 24.35
N PHE A 221 14.66 24.25 23.60
CA PHE A 221 14.44 24.87 22.29
C PHE A 221 15.43 24.39 21.26
N PRO A 222 14.95 23.89 20.10
CA PRO A 222 15.89 23.49 19.02
C PRO A 222 16.46 24.70 18.28
N ASP A 223 17.52 24.49 17.51
CA ASP A 223 18.21 25.51 16.72
C ASP A 223 17.60 25.72 15.33
N PHE A 224 16.62 24.90 14.98
CA PHE A 224 15.87 24.91 13.72
C PHE A 224 14.78 23.85 13.86
N SER A 225 13.65 24.06 13.15
CA SER A 225 12.50 23.18 13.10
C SER A 225 11.70 23.36 11.83
N THR A 226 11.20 22.26 11.25
CA THR A 226 10.34 22.31 10.05
C THR A 226 9.31 21.20 10.05
N ARG A 227 8.11 21.51 9.56
CA ARG A 227 7.01 20.54 9.41
C ARG A 227 6.60 20.57 7.93
N ASP A 228 7.49 21.13 7.06
CA ASP A 228 7.30 21.36 5.60
C ASP A 228 7.91 20.33 4.68
N ILE A 229 8.61 19.33 5.20
CA ILE A 229 9.20 18.35 4.32
C ILE A 229 8.21 17.24 4.01
N HIS A 230 7.68 16.61 5.06
CA HIS A 230 6.73 15.48 5.02
C HIS A 230 5.40 15.86 5.65
N ARG A 231 4.36 15.13 5.31
CA ARG A 231 2.98 15.34 5.80
C ARG A 231 2.52 14.20 6.74
N ASN A 232 3.41 13.30 7.10
CA ASN A 232 3.10 12.20 8.02
C ASN A 232 4.30 11.95 8.96
N TYR A 233 4.22 10.93 9.84
CA TYR A 233 5.27 10.54 10.79
C TYR A 233 6.63 10.49 10.09
N VAL A 234 7.69 11.11 10.64
CA VAL A 234 8.99 11.03 9.98
C VAL A 234 9.77 9.95 10.78
N ASP A 235 9.97 8.78 10.19
CA ASP A 235 10.54 7.64 10.91
C ASP A 235 11.99 7.39 10.67
N CYS A 236 12.67 8.17 9.80
CA CYS A 236 14.11 8.02 9.57
C CYS A 236 14.74 9.31 9.11
N VAL A 237 15.90 9.68 9.69
CA VAL A 237 16.66 10.89 9.37
C VAL A 237 18.16 10.62 9.40
N ARG A 238 18.90 11.11 8.39
CA ARG A 238 20.36 10.94 8.30
C ARG A 238 20.96 12.11 7.57
N TRP A 239 22.12 12.55 8.01
CA TRP A 239 22.86 13.63 7.38
C TRP A 239 23.67 13.08 6.19
N LEU A 240 23.81 13.90 5.15
CA LEU A 240 24.64 13.66 3.99
C LEU A 240 25.41 15.00 3.84
N GLY A 241 26.47 15.11 4.63
CA GLY A 241 27.26 16.33 4.77
C GLY A 241 26.44 17.31 5.56
N ASP A 242 26.20 18.46 4.99
CA ASP A 242 25.37 19.54 5.54
C ASP A 242 23.92 19.40 5.05
N LEU A 243 23.64 18.32 4.27
CA LEU A 243 22.31 18.05 3.74
C LEU A 243 21.58 17.04 4.61
N ILE A 244 20.26 16.93 4.44
CA ILE A 244 19.47 15.99 5.22
C ILE A 244 18.64 15.15 4.31
N LEU A 245 18.71 13.84 4.52
CA LEU A 245 17.87 12.81 3.92
C LEU A 245 16.89 12.31 5.01
N SER A 246 15.60 12.41 4.74
CA SER A 246 14.56 11.95 5.66
C SER A 246 13.42 11.29 4.87
N LYS A 247 12.71 10.36 5.51
CA LYS A 247 11.57 9.71 4.87
C LYS A 247 10.40 9.66 5.81
N SER A 248 9.20 9.64 5.23
CA SER A 248 7.95 9.41 5.93
C SER A 248 7.40 8.11 5.30
N CYS A 249 6.07 7.95 5.23
CA CYS A 249 5.48 6.74 4.64
C CYS A 249 4.82 7.08 3.28
N GLU A 250 5.30 8.16 2.64
CA GLU A 250 4.78 8.69 1.41
C GLU A 250 5.58 8.24 0.21
N ASN A 251 6.30 7.10 0.35
CA ASN A 251 7.10 6.39 -0.65
C ASN A 251 8.19 7.25 -1.35
N ALA A 252 8.84 8.12 -0.58
CA ALA A 252 9.99 8.89 -1.02
C ALA A 252 10.98 9.18 0.14
N ILE A 253 12.30 9.18 -0.17
CA ILE A 253 13.36 9.66 0.70
C ILE A 253 13.64 11.08 0.10
N VAL A 254 13.40 12.14 0.93
CA VAL A 254 13.60 13.53 0.51
C VAL A 254 14.95 14.05 0.94
N CYS A 255 15.71 14.67 -0.01
CA CYS A 255 16.98 15.33 0.24
C CYS A 255 16.69 16.82 0.33
N TRP A 256 16.96 17.39 1.48
CA TRP A 256 16.61 18.80 1.69
C TRP A 256 17.65 19.47 2.59
N LYS A 257 17.47 20.79 2.85
CA LYS A 257 18.35 21.55 3.73
C LYS A 257 17.60 22.70 4.40
N PRO A 258 17.99 23.13 5.64
CA PRO A 258 17.36 24.32 6.26
C PRO A 258 17.73 25.60 5.50
N GLY A 259 16.84 26.57 5.52
CA GLY A 259 17.05 27.85 4.85
C GLY A 259 16.90 27.79 3.34
N LYS A 260 17.37 28.84 2.68
CA LYS A 260 17.35 29.01 1.22
C LYS A 260 18.55 28.27 0.59
N MET A 261 18.63 28.24 -0.74
CA MET A 261 19.67 27.51 -1.48
C MET A 261 21.11 27.80 -1.02
N GLU A 262 21.50 29.08 -0.84
CA GLU A 262 22.89 29.39 -0.47
C GLU A 262 23.11 29.62 1.07
N ASP A 263 22.12 29.28 1.91
CA ASP A 263 22.18 29.47 3.34
C ASP A 263 23.01 28.41 4.02
N ASP A 264 24.07 28.82 4.72
CA ASP A 264 24.94 27.90 5.46
C ASP A 264 24.19 27.45 6.69
N ILE A 265 24.20 26.13 6.95
CA ILE A 265 23.51 25.50 8.09
C ILE A 265 23.97 26.11 9.44
N ASP A 266 25.25 26.52 9.54
CA ASP A 266 25.73 27.08 10.79
C ASP A 266 25.49 28.59 10.89
N LYS A 267 24.92 29.22 9.84
CA LYS A 267 24.57 30.64 9.83
C LYS A 267 23.05 30.86 9.99
N ILE A 268 22.30 29.77 9.93
CA ILE A 268 20.84 29.66 10.09
C ILE A 268 20.45 30.03 11.54
N LYS A 269 19.48 30.97 11.70
CA LYS A 269 18.91 31.37 13.01
C LYS A 269 17.73 30.41 13.37
N PRO A 270 17.42 30.16 14.68
CA PRO A 270 16.30 29.24 15.01
C PRO A 270 14.94 29.62 14.43
N SER A 271 14.78 30.90 14.06
CA SER A 271 13.55 31.46 13.47
C SER A 271 13.33 31.07 12.01
N GLU A 272 14.39 30.61 11.32
CA GLU A 272 14.45 30.20 9.91
C GLU A 272 13.19 29.43 9.48
N SER A 273 12.39 30.03 8.60
CA SER A 273 11.13 29.45 8.13
C SER A 273 11.22 28.75 6.76
N ASN A 274 12.38 28.88 6.07
CA ASN A 274 12.56 28.28 4.76
C ASN A 274 13.26 26.96 4.81
N VAL A 275 12.98 26.13 3.80
CA VAL A 275 13.64 24.85 3.52
C VAL A 275 13.85 24.76 2.01
N THR A 276 14.87 24.01 1.57
CA THR A 276 15.13 23.82 0.13
C THR A 276 15.18 22.31 -0.13
N ILE A 277 14.32 21.80 -1.03
CA ILE A 277 14.24 20.38 -1.41
C ILE A 277 15.21 20.29 -2.57
N LEU A 278 16.20 19.42 -2.46
CA LEU A 278 17.23 19.25 -3.47
C LEU A 278 17.01 18.03 -4.37
N GLY A 279 16.12 17.13 -3.93
CA GLY A 279 15.81 15.91 -4.66
C GLY A 279 15.02 14.89 -3.88
N ARG A 280 14.53 13.86 -4.59
CA ARG A 280 13.73 12.79 -4.03
C ARG A 280 14.23 11.43 -4.55
N PHE A 281 14.04 10.38 -3.74
CA PHE A 281 14.32 8.99 -4.06
C PHE A 281 12.96 8.35 -3.93
N ASP A 282 12.26 8.17 -5.08
CA ASP A 282 10.94 7.54 -5.15
C ASP A 282 11.06 6.02 -5.26
N TYR A 283 10.11 5.31 -4.62
CA TYR A 283 10.01 3.85 -4.57
C TYR A 283 8.54 3.45 -4.37
N SER A 284 8.28 2.14 -4.08
CA SER A 284 6.92 1.64 -3.90
C SER A 284 6.81 0.72 -2.70
N GLN A 285 5.56 0.50 -2.27
CA GLN A 285 5.18 -0.39 -1.17
C GLN A 285 6.08 -0.25 0.07
N CYS A 286 6.15 0.97 0.63
CA CYS A 286 6.89 1.26 1.86
C CYS A 286 6.16 2.40 2.58
N ASP A 287 4.84 2.23 2.68
CA ASP A 287 3.88 3.16 3.26
C ASP A 287 3.43 2.77 4.67
N ILE A 288 4.16 1.84 5.31
CA ILE A 288 3.88 1.44 6.68
C ILE A 288 4.86 2.15 7.58
N TRP A 289 4.48 2.50 8.81
CA TRP A 289 5.43 3.16 9.73
C TRP A 289 6.51 2.15 10.10
N TYR A 290 7.71 2.67 10.47
CA TYR A 290 8.87 1.92 10.98
C TYR A 290 9.60 1.15 9.92
N MET A 291 10.15 1.87 8.94
CA MET A 291 10.97 1.31 7.86
C MET A 291 12.20 2.20 7.72
N ARG A 292 13.37 1.69 8.05
CA ARG A 292 14.57 2.51 7.97
C ARG A 292 15.35 2.39 6.72
N PHE A 293 16.00 3.49 6.32
CA PHE A 293 16.91 3.49 5.20
C PHE A 293 18.32 3.54 5.76
N SER A 294 19.28 3.11 5.00
CA SER A 294 20.63 3.19 5.53
C SER A 294 21.62 3.57 4.45
N MET A 295 22.69 4.23 4.86
CA MET A 295 23.79 4.60 3.97
C MET A 295 25.02 3.75 4.36
N ASP A 296 25.92 3.44 3.38
CA ASP A 296 27.15 2.69 3.66
C ASP A 296 28.11 3.63 4.41
N PHE A 297 29.29 3.12 4.89
CA PHE A 297 30.21 3.94 5.67
C PHE A 297 30.57 5.25 4.99
N TRP A 298 30.89 5.12 3.71
CA TRP A 298 31.35 6.16 2.80
C TRP A 298 30.30 7.12 2.35
N GLN A 299 29.02 6.83 2.61
CA GLN A 299 27.89 7.63 2.16
C GLN A 299 27.97 7.77 0.63
N LYS A 300 28.20 6.63 -0.05
CA LYS A 300 28.32 6.47 -1.49
C LYS A 300 27.10 5.71 -2.02
N MET A 301 26.40 4.97 -1.12
CA MET A 301 25.20 4.16 -1.41
C MET A 301 24.08 4.35 -0.41
N LEU A 302 22.82 4.30 -0.89
CA LEU A 302 21.60 4.41 -0.09
C LEU A 302 20.83 3.11 -0.27
N ALA A 303 20.31 2.53 0.82
CA ALA A 303 19.51 1.30 0.77
C ALA A 303 18.25 1.39 1.60
N LEU A 304 17.14 0.90 1.06
CA LEU A 304 15.86 0.88 1.77
C LEU A 304 15.08 -0.35 1.38
N GLY A 305 14.58 -1.06 2.37
CA GLY A 305 13.73 -2.22 2.14
C GLY A 305 12.28 -1.79 2.12
N ASN A 306 11.42 -2.59 1.45
CA ASN A 306 9.99 -2.28 1.37
C ASN A 306 9.17 -3.32 2.15
N GLN A 307 7.86 -3.13 2.22
CA GLN A 307 7.02 -4.00 3.04
C GLN A 307 6.79 -5.41 2.44
N VAL A 308 7.24 -5.67 1.22
CA VAL A 308 7.03 -6.98 0.60
C VAL A 308 8.38 -7.67 0.23
N GLY A 309 9.47 -7.29 0.89
CA GLY A 309 10.77 -7.93 0.67
C GLY A 309 11.66 -7.39 -0.44
N LYS A 310 11.28 -6.26 -1.07
CA LYS A 310 12.11 -5.66 -2.11
C LYS A 310 13.12 -4.73 -1.48
N LEU A 311 14.35 -4.78 -2.00
CA LEU A 311 15.44 -3.96 -1.47
C LEU A 311 15.87 -2.98 -2.52
N TYR A 312 15.67 -1.70 -2.24
CA TYR A 312 16.06 -0.61 -3.12
C TYR A 312 17.45 -0.15 -2.77
N VAL A 313 18.33 -0.01 -3.79
CA VAL A 313 19.71 0.42 -3.56
C VAL A 313 20.02 1.47 -4.63
N TRP A 314 20.45 2.68 -4.21
CA TRP A 314 20.81 3.82 -5.06
C TRP A 314 22.26 4.22 -4.89
N ASP A 315 22.93 4.53 -6.01
CA ASP A 315 24.31 5.03 -6.05
C ASP A 315 24.26 6.56 -5.90
N LEU A 316 24.83 7.08 -4.78
CA LEU A 316 24.83 8.51 -4.44
C LEU A 316 25.88 9.33 -5.22
N GLU A 317 26.69 8.70 -6.09
CA GLU A 317 27.73 9.35 -6.92
C GLU A 317 27.29 9.53 -8.39
N CYS A 326 18.86 3.70 -9.67
CA CYS A 326 18.30 2.74 -8.72
C CYS A 326 18.47 1.28 -9.19
N THR A 327 18.40 0.33 -8.22
CA THR A 327 18.51 -1.12 -8.40
C THR A 327 17.56 -1.78 -7.39
N THR A 328 16.87 -2.86 -7.80
CA THR A 328 15.99 -3.58 -6.88
C THR A 328 16.50 -5.00 -6.69
N LEU A 329 16.75 -5.35 -5.42
CA LEU A 329 17.24 -6.66 -5.01
C LEU A 329 16.07 -7.47 -4.45
N THR A 330 15.72 -8.53 -5.17
CA THR A 330 14.59 -9.42 -4.86
C THR A 330 14.99 -10.89 -4.88
N HIS A 331 14.29 -11.68 -4.08
CA HIS A 331 14.36 -13.14 -3.98
C HIS A 331 12.92 -13.62 -3.74
N HIS A 332 12.49 -14.71 -4.42
CA HIS A 332 11.12 -15.21 -4.28
C HIS A 332 10.75 -15.65 -2.85
N LYS A 333 11.73 -16.05 -2.04
CA LYS A 333 11.47 -16.49 -0.66
C LYS A 333 11.44 -15.30 0.32
N CYS A 334 11.81 -14.08 -0.12
CA CYS A 334 11.84 -12.84 0.68
C CYS A 334 10.60 -11.99 0.37
N GLY A 335 9.57 -12.10 1.22
CA GLY A 335 8.31 -11.39 1.06
C GLY A 335 7.75 -10.64 2.27
N ALA A 336 8.46 -10.64 3.39
CA ALA A 336 8.02 -9.92 4.58
C ALA A 336 8.67 -8.47 4.58
N ALA A 337 8.10 -7.53 5.37
CA ALA A 337 8.66 -6.16 5.46
C ALA A 337 10.11 -6.17 5.90
N ILE A 338 10.99 -5.46 5.16
CA ILE A 338 12.42 -5.32 5.47
C ILE A 338 12.52 -4.03 6.29
N ARG A 339 12.61 -4.19 7.63
CA ARG A 339 12.65 -3.13 8.62
C ARG A 339 13.94 -2.30 8.57
N GLN A 340 15.10 -2.96 8.52
CA GLN A 340 16.38 -2.28 8.44
C GLN A 340 17.43 -3.06 7.65
N THR A 341 18.40 -2.32 7.11
CA THR A 341 19.52 -2.91 6.40
C THR A 341 20.80 -2.32 6.99
N SER A 342 21.93 -2.99 6.71
CA SER A 342 23.26 -2.56 7.14
C SER A 342 24.27 -3.04 6.13
N PHE A 343 25.19 -2.17 5.74
CA PHE A 343 26.30 -2.49 4.84
C PHE A 343 27.54 -2.76 5.68
N SER A 344 28.44 -3.63 5.20
CA SER A 344 29.71 -3.83 5.89
C SER A 344 30.54 -2.55 5.67
N ARG A 345 31.65 -2.36 6.42
CA ARG A 345 32.41 -1.12 6.27
C ARG A 345 32.89 -0.90 4.86
N ASP A 346 33.30 -1.99 4.20
CA ASP A 346 33.81 -1.98 2.84
C ASP A 346 32.71 -1.98 1.77
N SER A 347 31.42 -2.08 2.20
CA SER A 347 30.23 -2.11 1.33
C SER A 347 30.13 -3.37 0.46
N SER A 348 30.97 -4.37 0.71
CA SER A 348 30.91 -5.61 -0.07
C SER A 348 29.66 -6.44 0.27
N ILE A 349 29.18 -6.34 1.52
CA ILE A 349 27.99 -7.04 2.03
C ILE A 349 26.90 -6.07 2.49
N LEU A 350 25.64 -6.42 2.20
CA LEU A 350 24.45 -5.70 2.62
C LEU A 350 23.55 -6.73 3.27
N ILE A 351 23.16 -6.49 4.54
CA ILE A 351 22.25 -7.35 5.31
C ILE A 351 20.87 -6.69 5.48
N ALA A 352 19.80 -7.46 5.22
CA ALA A 352 18.41 -7.03 5.37
C ALA A 352 17.74 -7.91 6.43
N VAL A 353 16.99 -7.27 7.35
CA VAL A 353 16.28 -7.99 8.43
C VAL A 353 14.77 -7.77 8.25
N CYS A 354 13.98 -8.84 8.48
CA CYS A 354 12.57 -8.85 8.19
C CYS A 354 11.63 -9.10 9.37
N ASP A 355 10.33 -8.84 9.12
CA ASP A 355 9.21 -9.06 10.04
C ASP A 355 8.98 -10.53 10.43
N ASP A 356 9.41 -11.46 9.57
CA ASP A 356 9.26 -12.89 9.81
C ASP A 356 10.52 -13.52 10.42
N ALA A 357 11.38 -12.68 11.06
CA ALA A 357 12.64 -13.06 11.73
C ALA A 357 13.79 -13.51 10.75
N SER A 358 13.61 -13.26 9.46
CA SER A 358 14.56 -13.66 8.45
C SER A 358 15.65 -12.62 8.22
N ILE A 359 16.85 -13.11 7.81
CA ILE A 359 18.07 -12.35 7.55
C ILE A 359 18.49 -12.72 6.15
N TRP A 360 18.81 -11.72 5.34
CA TRP A 360 19.19 -11.91 3.95
C TRP A 360 20.54 -11.23 3.71
N ARG A 361 21.51 -11.97 3.13
CA ARG A 361 22.86 -11.51 2.80
C ARG A 361 23.02 -11.33 1.30
N TRP A 362 23.37 -10.11 0.90
CA TRP A 362 23.61 -9.70 -0.48
C TRP A 362 25.09 -9.31 -0.61
N ASP A 363 25.82 -9.95 -1.54
CA ASP A 363 27.26 -9.68 -1.79
C ASP A 363 27.47 -8.99 -3.15
N ARG A 364 28.41 -8.04 -3.26
CA ARG A 364 28.61 -7.24 -4.48
C ARG A 364 28.85 -8.04 -5.78
N SER B 6 3.47 -0.83 -15.47
CA SER B 6 4.08 0.09 -14.49
C SER B 6 3.17 1.31 -14.23
N PHE B 7 2.53 1.33 -13.05
CA PHE B 7 1.58 2.38 -12.63
C PHE B 7 2.02 3.28 -11.47
N LYS B 8 1.76 4.59 -11.59
CA LYS B 8 2.03 5.58 -10.56
C LYS B 8 0.74 6.34 -10.23
N CYS B 9 0.52 6.65 -8.92
CA CYS B 9 -0.66 7.41 -8.50
C CYS B 9 -0.37 8.89 -8.77
N VAL B 10 -1.11 9.47 -9.73
CA VAL B 10 -0.88 10.85 -10.15
C VAL B 10 -1.93 11.86 -9.62
N ASN B 11 -3.02 11.35 -9.04
CA ASN B 11 -4.07 12.19 -8.48
C ASN B 11 -5.03 11.40 -7.59
N SER B 12 -5.77 12.13 -6.75
CA SER B 12 -6.74 11.61 -5.80
C SER B 12 -7.74 12.71 -5.42
N LEU B 13 -9.01 12.33 -5.20
CA LEU B 13 -10.05 13.25 -4.77
C LEU B 13 -11.14 12.53 -3.99
N LYS B 14 -11.89 13.25 -3.15
CA LYS B 14 -12.98 12.72 -2.35
C LYS B 14 -14.26 13.47 -2.74
N GLU B 15 -15.37 12.73 -2.96
CA GLU B 15 -16.67 13.30 -3.32
C GLU B 15 -17.35 13.81 -2.03
N ASP B 16 -17.93 15.03 -2.06
CA ASP B 16 -18.49 15.74 -0.90
C ASP B 16 -19.62 14.98 -0.12
N HIS B 17 -20.27 13.96 -0.71
CA HIS B 17 -21.36 13.22 -0.05
C HIS B 17 -20.87 12.24 1.03
N ASN B 18 -19.57 11.89 1.03
CA ASN B 18 -18.90 10.98 1.98
C ASN B 18 -19.55 9.56 2.08
N GLN B 19 -20.31 9.15 1.05
CA GLN B 19 -20.92 7.82 0.98
C GLN B 19 -20.07 6.92 0.09
N PRO B 20 -20.08 5.58 0.29
CA PRO B 20 -19.28 4.71 -0.57
C PRO B 20 -19.58 4.84 -2.04
N LEU B 21 -18.54 4.72 -2.87
CA LEU B 21 -18.66 4.71 -4.32
C LEU B 21 -18.64 3.24 -4.73
N PHE B 22 -19.71 2.77 -5.38
CA PHE B 22 -19.90 1.35 -5.72
C PHE B 22 -19.63 0.99 -7.17
N GLY B 23 -19.60 1.98 -8.04
CA GLY B 23 -19.33 1.77 -9.45
C GLY B 23 -18.51 2.87 -10.06
N VAL B 24 -17.73 2.51 -11.07
CA VAL B 24 -16.88 3.38 -11.88
C VAL B 24 -16.71 2.77 -13.25
N GLN B 25 -16.94 3.57 -14.27
CA GLN B 25 -16.84 3.14 -15.65
C GLN B 25 -16.27 4.21 -16.53
N PHE B 26 -15.17 3.90 -17.22
CA PHE B 26 -14.69 4.80 -18.24
C PHE B 26 -15.65 4.63 -19.43
N ASN B 27 -15.80 5.66 -20.25
CA ASN B 27 -16.64 5.56 -21.45
C ASN B 27 -15.70 5.02 -22.53
N TRP B 28 -15.93 3.79 -23.00
CA TRP B 28 -15.08 3.20 -24.03
C TRP B 28 -15.56 3.46 -25.43
N HIS B 29 -16.67 4.20 -25.57
CA HIS B 29 -17.29 4.56 -26.84
C HIS B 29 -16.82 5.92 -27.36
N SER B 30 -15.65 6.38 -26.89
CA SER B 30 -15.03 7.63 -27.32
C SER B 30 -13.84 7.36 -28.28
N LYS B 31 -13.61 8.24 -29.28
CA LYS B 31 -12.52 8.09 -30.26
C LYS B 31 -11.12 8.35 -29.66
N GLU B 32 -10.04 8.08 -30.43
CA GLU B 32 -8.67 8.37 -29.97
C GLU B 32 -8.45 9.87 -30.16
N GLY B 33 -8.00 10.54 -29.11
CA GLY B 33 -7.83 11.99 -29.15
C GLY B 33 -9.09 12.72 -28.72
N ASP B 34 -10.16 11.96 -28.44
CA ASP B 34 -11.44 12.45 -27.92
C ASP B 34 -11.28 12.51 -26.38
N PRO B 35 -12.17 13.20 -25.61
CA PRO B 35 -11.97 13.28 -24.15
C PRO B 35 -12.10 11.98 -23.37
N LEU B 36 -11.17 11.74 -22.41
CA LEU B 36 -11.20 10.53 -21.56
C LEU B 36 -12.13 10.79 -20.41
N VAL B 37 -13.35 10.22 -20.49
CA VAL B 37 -14.37 10.46 -19.47
C VAL B 37 -14.70 9.20 -18.67
N PHE B 38 -14.92 9.36 -17.36
CA PHE B 38 -15.37 8.27 -16.49
C PHE B 38 -16.55 8.72 -15.60
N ALA B 39 -17.39 7.76 -15.21
CA ALA B 39 -18.53 8.03 -14.35
C ALA B 39 -18.35 7.33 -13.02
N THR B 40 -18.89 7.92 -11.94
CA THR B 40 -18.86 7.27 -10.62
C THR B 40 -20.27 7.23 -10.07
N VAL B 41 -20.63 6.15 -9.36
CA VAL B 41 -21.96 6.01 -8.73
C VAL B 41 -21.80 5.71 -7.26
N GLY B 42 -22.57 6.41 -6.45
CA GLY B 42 -22.61 6.28 -5.00
C GLY B 42 -23.67 7.21 -4.46
N SER B 43 -24.21 6.93 -3.24
CA SER B 43 -25.32 7.69 -2.62
C SER B 43 -26.45 7.75 -3.68
N ASN B 44 -27.07 8.92 -3.89
CA ASN B 44 -28.09 9.09 -4.94
C ASN B 44 -27.45 9.96 -6.07
N ARG B 45 -26.12 9.77 -6.28
CA ARG B 45 -25.28 10.52 -7.25
C ARG B 45 -24.73 9.71 -8.43
N VAL B 46 -24.53 10.40 -9.57
CA VAL B 46 -23.82 9.92 -10.78
C VAL B 46 -22.94 11.11 -11.15
N THR B 47 -21.63 10.96 -11.08
CA THR B 47 -20.73 12.08 -11.38
C THR B 47 -19.80 11.79 -12.56
N LEU B 48 -19.71 12.73 -13.51
CA LEU B 48 -18.83 12.65 -14.69
C LEU B 48 -17.53 13.39 -14.49
N TYR B 49 -16.44 12.79 -14.98
CA TYR B 49 -15.10 13.35 -14.86
C TYR B 49 -14.32 13.20 -16.14
N GLU B 50 -13.41 14.15 -16.40
CA GLU B 50 -12.51 14.10 -17.55
C GLU B 50 -11.10 13.98 -17.07
N CYS B 51 -10.34 13.08 -17.70
CA CYS B 51 -8.93 12.85 -17.37
C CYS B 51 -8.11 13.67 -18.32
N HIS B 52 -7.38 14.61 -17.76
CA HIS B 52 -6.51 15.46 -18.55
C HIS B 52 -5.10 15.01 -18.46
N SER B 53 -4.40 15.16 -19.58
CA SER B 53 -3.00 14.82 -19.69
C SER B 53 -2.30 15.81 -18.77
N GLN B 54 -1.76 15.29 -17.65
CA GLN B 54 -0.99 15.87 -16.53
C GLN B 54 -1.40 15.31 -15.16
N GLY B 55 -2.28 14.33 -15.18
CA GLY B 55 -2.79 13.73 -13.96
C GLY B 55 -3.94 14.55 -13.41
N GLU B 56 -4.47 15.48 -14.22
CA GLU B 56 -5.59 16.34 -13.84
C GLU B 56 -6.93 15.62 -14.02
N ILE B 57 -7.82 15.75 -13.01
CA ILE B 57 -9.18 15.23 -13.04
C ILE B 57 -10.09 16.44 -12.96
N ARG B 58 -10.88 16.65 -14.02
CA ARG B 58 -11.80 17.76 -14.15
C ARG B 58 -13.22 17.26 -13.95
N LEU B 59 -13.96 17.86 -13.02
CA LEU B 59 -15.35 17.50 -12.80
C LEU B 59 -16.21 18.14 -13.91
N LEU B 60 -16.92 17.31 -14.66
CA LEU B 60 -17.78 17.78 -15.76
C LEU B 60 -19.14 18.14 -15.23
N GLN B 61 -19.88 17.16 -14.66
CA GLN B 61 -21.21 17.38 -14.12
C GLN B 61 -21.60 16.25 -13.20
N SER B 62 -22.59 16.50 -12.33
CA SER B 62 -23.16 15.49 -11.45
C SER B 62 -24.68 15.43 -11.64
N TYR B 63 -25.25 14.22 -11.51
CA TYR B 63 -26.68 13.99 -11.54
C TYR B 63 -27.04 13.60 -10.12
N VAL B 64 -27.93 14.35 -9.48
CA VAL B 64 -28.40 14.00 -8.15
C VAL B 64 -29.85 13.54 -8.30
N ASP B 65 -30.14 12.32 -7.82
CA ASP B 65 -31.47 11.74 -7.89
C ASP B 65 -32.43 12.45 -6.96
N ALA B 66 -33.68 12.64 -7.40
CA ALA B 66 -34.72 13.30 -6.60
C ALA B 66 -35.01 12.50 -5.30
N ASP B 67 -34.94 11.16 -5.38
CA ASP B 67 -35.11 10.19 -4.29
C ASP B 67 -33.81 10.17 -3.44
N ALA B 68 -33.86 10.74 -2.21
CA ALA B 68 -32.68 10.78 -1.31
C ALA B 68 -32.27 9.39 -0.82
N ASP B 69 -33.24 8.47 -0.80
CA ASP B 69 -33.05 7.09 -0.36
C ASP B 69 -32.63 6.14 -1.50
N GLU B 70 -32.38 6.68 -2.69
CA GLU B 70 -31.92 5.85 -3.81
C GLU B 70 -30.40 5.68 -3.63
N ASN B 71 -29.90 4.46 -3.74
CA ASN B 71 -28.46 4.21 -3.61
C ASN B 71 -28.00 3.50 -4.87
N PHE B 72 -27.38 4.23 -5.79
CA PHE B 72 -26.87 3.68 -7.06
C PHE B 72 -25.72 2.68 -6.81
N TYR B 73 -25.79 1.50 -7.45
CA TYR B 73 -24.85 0.40 -7.28
C TYR B 73 -24.08 0.08 -8.51
N THR B 74 -24.58 0.51 -9.66
CA THR B 74 -24.00 0.18 -10.96
C THR B 74 -24.34 1.25 -11.99
N CYS B 75 -23.51 1.30 -13.04
CA CYS B 75 -23.68 2.15 -14.19
C CYS B 75 -23.00 1.49 -15.41
N ALA B 76 -23.46 1.84 -16.62
CA ALA B 76 -22.91 1.31 -17.87
C ALA B 76 -23.07 2.34 -19.00
N TRP B 77 -22.07 2.42 -19.90
CA TRP B 77 -22.14 3.36 -21.01
C TRP B 77 -22.66 2.72 -22.28
N THR B 78 -23.41 3.49 -23.05
CA THR B 78 -23.87 3.13 -24.38
C THR B 78 -23.81 4.38 -25.27
N TYR B 79 -24.22 4.24 -26.53
CA TYR B 79 -24.29 5.34 -27.47
C TYR B 79 -25.60 5.21 -28.24
N ASP B 80 -26.13 6.34 -28.73
CA ASP B 80 -27.36 6.30 -29.52
C ASP B 80 -26.93 5.82 -30.90
N SER B 81 -27.41 4.62 -31.31
CA SER B 81 -27.10 3.98 -32.61
C SER B 81 -27.18 4.95 -33.83
N ASN B 82 -28.18 5.87 -33.82
CA ASN B 82 -28.45 6.86 -34.87
C ASN B 82 -27.57 8.12 -34.89
N THR B 83 -27.09 8.62 -33.72
CA THR B 83 -26.29 9.85 -33.65
C THR B 83 -24.86 9.66 -33.10
N SER B 84 -24.59 8.52 -32.46
CA SER B 84 -23.34 8.10 -31.80
C SER B 84 -23.06 8.92 -30.52
N HIS B 85 -24.10 9.65 -30.02
CA HIS B 85 -23.99 10.44 -28.79
C HIS B 85 -24.01 9.50 -27.59
N PRO B 86 -23.12 9.70 -26.59
CA PRO B 86 -23.09 8.75 -25.45
C PRO B 86 -24.28 8.91 -24.54
N LEU B 87 -24.64 7.80 -23.90
CA LEU B 87 -25.72 7.69 -22.94
C LEU B 87 -25.14 6.90 -21.80
N LEU B 88 -25.71 7.06 -20.61
CA LEU B 88 -25.28 6.41 -19.40
C LEU B 88 -26.48 5.83 -18.67
N ALA B 89 -26.42 4.50 -18.38
CA ALA B 89 -27.48 3.81 -17.65
C ALA B 89 -27.02 3.61 -16.20
N VAL B 90 -27.89 3.94 -15.24
CA VAL B 90 -27.58 3.80 -13.83
C VAL B 90 -28.76 3.12 -13.13
N ALA B 91 -28.49 2.43 -12.02
CA ALA B 91 -29.54 1.76 -11.24
C ALA B 91 -28.95 1.38 -9.91
N GLY B 92 -29.82 0.96 -8.98
CA GLY B 92 -29.42 0.55 -7.65
C GLY B 92 -30.55 0.01 -6.84
N SER B 93 -30.55 0.33 -5.53
CA SER B 93 -31.49 -0.15 -4.53
C SER B 93 -33.00 0.06 -4.86
N ARG B 94 -33.36 1.02 -5.70
CA ARG B 94 -34.77 1.23 -6.01
C ARG B 94 -35.25 0.38 -7.19
N GLY B 95 -34.32 -0.34 -7.83
CA GLY B 95 -34.65 -1.23 -8.94
C GLY B 95 -35.23 -0.56 -10.17
N ILE B 96 -35.00 0.77 -10.29
CA ILE B 96 -35.34 1.63 -11.43
C ILE B 96 -34.03 1.89 -12.23
N ILE B 97 -34.10 1.69 -13.56
CA ILE B 97 -33.01 1.96 -14.50
C ILE B 97 -33.21 3.40 -14.94
N ARG B 98 -32.15 4.21 -14.90
CA ARG B 98 -32.24 5.58 -15.36
C ARG B 98 -31.26 5.81 -16.52
N ILE B 99 -31.76 6.39 -17.62
CA ILE B 99 -30.95 6.69 -18.79
C ILE B 99 -30.70 8.18 -18.71
N ILE B 100 -29.41 8.57 -18.51
CA ILE B 100 -28.95 9.94 -18.34
C ILE B 100 -28.23 10.41 -19.62
N ASN B 101 -28.48 11.66 -20.05
CA ASN B 101 -27.78 12.25 -21.19
C ASN B 101 -26.50 12.88 -20.59
N PRO B 102 -25.27 12.37 -20.88
CA PRO B 102 -24.05 12.93 -20.26
C PRO B 102 -23.79 14.41 -20.55
N ILE B 103 -24.31 14.89 -21.70
CA ILE B 103 -24.19 16.26 -22.19
C ILE B 103 -24.82 17.23 -21.18
N THR B 104 -26.13 17.02 -20.87
CA THR B 104 -26.95 17.86 -19.96
C THR B 104 -27.14 17.25 -18.56
N MET B 105 -26.56 16.06 -18.32
CA MET B 105 -26.65 15.25 -17.09
C MET B 105 -28.10 15.16 -16.57
N GLN B 106 -29.05 15.03 -17.51
CA GLN B 106 -30.48 14.95 -17.30
C GLN B 106 -31.01 13.57 -17.65
N CYS B 107 -32.03 13.14 -16.91
CA CYS B 107 -32.67 11.84 -17.07
C CYS B 107 -33.62 11.88 -18.27
N ILE B 108 -33.23 11.17 -19.35
CA ILE B 108 -33.97 11.03 -20.61
C ILE B 108 -35.16 10.11 -20.39
N LYS B 109 -34.87 8.86 -19.93
CA LYS B 109 -35.77 7.73 -19.79
C LYS B 109 -35.59 7.06 -18.43
N HIS B 110 -36.67 6.52 -17.92
CA HIS B 110 -36.69 5.71 -16.71
C HIS B 110 -37.76 4.68 -16.84
N TYR B 111 -37.52 3.55 -16.23
CA TYR B 111 -38.50 2.48 -16.16
C TYR B 111 -38.18 1.57 -15.03
N VAL B 112 -39.26 1.12 -14.36
CA VAL B 112 -39.28 0.20 -13.26
C VAL B 112 -38.68 -1.09 -13.82
N GLY B 113 -37.33 -1.10 -13.78
CA GLY B 113 -36.44 -2.15 -14.22
C GLY B 113 -36.84 -3.48 -13.63
N HIS B 114 -36.79 -3.59 -12.28
CA HIS B 114 -37.16 -4.80 -11.52
C HIS B 114 -37.98 -4.47 -10.26
N GLY B 115 -38.41 -5.50 -9.55
CA GLY B 115 -39.12 -5.32 -8.29
C GLY B 115 -38.13 -4.86 -7.22
N ASN B 116 -37.06 -5.66 -6.99
CA ASN B 116 -36.01 -5.37 -6.03
C ASN B 116 -34.82 -4.67 -6.69
N ALA B 117 -33.77 -4.33 -5.91
CA ALA B 117 -32.57 -3.62 -6.36
C ALA B 117 -31.86 -4.28 -7.54
N ILE B 118 -31.21 -3.45 -8.38
CA ILE B 118 -30.42 -3.88 -9.52
C ILE B 118 -28.95 -3.83 -9.13
N ASN B 119 -28.27 -4.98 -9.23
CA ASN B 119 -26.87 -5.13 -8.83
C ASN B 119 -25.86 -4.84 -9.91
N GLU B 120 -26.21 -5.08 -11.18
CA GLU B 120 -25.33 -4.82 -12.31
C GLU B 120 -26.12 -4.52 -13.57
N LEU B 121 -25.58 -3.66 -14.43
CA LEU B 121 -26.12 -3.25 -15.73
C LEU B 121 -25.05 -3.51 -16.78
N LYS B 122 -25.43 -4.15 -17.91
CA LYS B 122 -24.48 -4.46 -18.98
C LYS B 122 -25.11 -4.25 -20.32
N PHE B 123 -24.44 -3.52 -21.19
CA PHE B 123 -24.88 -3.30 -22.55
C PHE B 123 -24.30 -4.40 -23.44
N HIS B 124 -25.11 -4.89 -24.38
CA HIS B 124 -24.72 -5.91 -25.36
C HIS B 124 -23.52 -5.40 -26.19
N PRO B 125 -22.43 -6.19 -26.32
CA PRO B 125 -21.23 -5.72 -27.06
C PRO B 125 -21.42 -5.38 -28.53
N ARG B 126 -22.55 -5.80 -29.12
CA ARG B 126 -22.84 -5.64 -30.54
C ARG B 126 -24.16 -4.97 -30.89
N ASP B 127 -24.94 -4.61 -29.89
CA ASP B 127 -26.19 -3.91 -30.03
C ASP B 127 -26.31 -2.92 -28.85
N PRO B 128 -26.01 -1.61 -29.07
CA PRO B 128 -26.02 -0.64 -27.97
C PRO B 128 -27.41 -0.42 -27.32
N ASN B 129 -28.48 -0.88 -27.97
CA ASN B 129 -29.82 -0.72 -27.43
C ASN B 129 -30.21 -1.82 -26.48
N LEU B 130 -29.42 -2.91 -26.42
CA LEU B 130 -29.70 -4.07 -25.55
C LEU B 130 -29.00 -3.95 -24.19
N LEU B 131 -29.81 -3.67 -23.15
CA LEU B 131 -29.41 -3.50 -21.78
C LEU B 131 -29.85 -4.71 -20.93
N LEU B 132 -28.87 -5.34 -20.28
CA LEU B 132 -29.04 -6.47 -19.37
C LEU B 132 -28.98 -5.95 -17.95
N SER B 133 -30.03 -6.22 -17.13
CA SER B 133 -30.05 -5.85 -15.72
C SER B 133 -30.12 -7.10 -14.83
N VAL B 134 -29.32 -7.15 -13.72
CA VAL B 134 -29.34 -8.27 -12.76
C VAL B 134 -29.89 -7.78 -11.44
N SER B 135 -30.80 -8.54 -10.85
CA SER B 135 -31.47 -8.05 -9.66
C SER B 135 -31.52 -9.00 -8.47
N LYS B 136 -31.87 -8.42 -7.31
CA LYS B 136 -32.12 -9.07 -6.03
C LYS B 136 -33.41 -9.85 -6.05
N ASP B 137 -34.24 -9.65 -7.09
CA ASP B 137 -35.49 -10.39 -7.29
C ASP B 137 -35.27 -11.82 -7.91
N HIS B 138 -33.97 -12.24 -8.14
CA HIS B 138 -33.50 -13.57 -8.64
C HIS B 138 -33.42 -13.68 -10.15
N ALA B 139 -33.88 -12.63 -10.86
CA ALA B 139 -33.94 -12.63 -12.32
C ALA B 139 -33.00 -11.67 -13.00
N LEU B 140 -32.78 -11.94 -14.28
CA LEU B 140 -32.04 -11.10 -15.20
C LEU B 140 -33.11 -10.60 -16.17
N ARG B 141 -32.95 -9.39 -16.69
CA ARG B 141 -33.88 -8.83 -17.66
C ARG B 141 -33.10 -8.25 -18.82
N LEU B 142 -33.56 -8.53 -20.05
CA LEU B 142 -32.95 -7.96 -21.26
C LEU B 142 -33.93 -6.98 -21.86
N TRP B 143 -33.52 -5.71 -21.92
CA TRP B 143 -34.33 -4.59 -22.43
C TRP B 143 -33.81 -4.09 -23.77
N ASN B 144 -34.74 -3.62 -24.61
CA ASN B 144 -34.40 -2.95 -25.86
C ASN B 144 -34.77 -1.49 -25.53
N ILE B 145 -33.75 -0.67 -25.24
CA ILE B 145 -33.93 0.72 -24.81
C ILE B 145 -34.26 1.67 -25.99
N GLN B 146 -34.35 1.15 -27.23
CA GLN B 146 -34.72 2.01 -28.35
C GLN B 146 -36.24 1.98 -28.52
N THR B 147 -36.84 0.78 -28.37
CA THR B 147 -38.27 0.57 -28.50
C THR B 147 -38.93 0.48 -27.12
N ASP B 148 -38.12 0.66 -26.04
CA ASP B 148 -38.58 0.59 -24.64
C ASP B 148 -39.36 -0.71 -24.43
N THR B 149 -38.73 -1.84 -24.72
CA THR B 149 -39.38 -3.15 -24.57
C THR B 149 -38.54 -4.08 -23.71
N LEU B 150 -39.21 -4.98 -23.01
CA LEU B 150 -38.58 -5.99 -22.21
C LEU B 150 -38.51 -7.20 -23.16
N VAL B 151 -37.33 -7.49 -23.70
CA VAL B 151 -37.13 -8.58 -24.66
C VAL B 151 -37.38 -9.96 -24.02
N ALA B 152 -36.76 -10.18 -22.85
CA ALA B 152 -36.77 -11.42 -22.10
C ALA B 152 -36.48 -11.22 -20.63
N ILE B 153 -36.91 -12.19 -19.86
CA ILE B 153 -36.67 -12.18 -18.43
C ILE B 153 -36.10 -13.57 -18.15
N PHE B 154 -34.91 -13.64 -17.58
CA PHE B 154 -34.17 -14.89 -17.31
C PHE B 154 -34.32 -15.31 -15.85
N GLY B 155 -35.09 -16.37 -15.63
CA GLY B 155 -35.33 -16.92 -14.31
C GLY B 155 -36.42 -17.95 -14.31
N GLY B 156 -36.62 -18.60 -13.18
CA GLY B 156 -37.70 -19.57 -13.06
C GLY B 156 -37.28 -20.73 -12.19
N VAL B 157 -37.82 -21.91 -12.51
CA VAL B 157 -37.56 -23.16 -11.80
C VAL B 157 -36.06 -23.49 -11.77
N GLU B 158 -35.35 -23.16 -12.88
CA GLU B 158 -33.92 -23.42 -13.01
C GLU B 158 -33.13 -22.14 -13.10
N GLY B 159 -33.76 -21.05 -12.77
CA GLY B 159 -33.06 -19.79 -12.69
C GLY B 159 -32.45 -19.65 -11.31
N HIS B 160 -31.84 -18.49 -11.02
CA HIS B 160 -31.22 -18.24 -9.73
C HIS B 160 -32.22 -18.36 -8.60
N ARG B 161 -31.77 -18.98 -7.47
CA ARG B 161 -32.59 -19.26 -6.28
C ARG B 161 -32.46 -18.21 -5.20
N ASP B 162 -31.62 -17.19 -5.45
CA ASP B 162 -31.37 -16.07 -4.57
C ASP B 162 -30.92 -14.87 -5.45
N GLU B 163 -30.60 -13.71 -4.84
CA GLU B 163 -30.18 -12.46 -5.48
C GLU B 163 -29.04 -12.63 -6.52
N VAL B 164 -29.20 -12.00 -7.67
CA VAL B 164 -28.20 -12.10 -8.75
C VAL B 164 -27.26 -10.91 -8.56
N LEU B 165 -25.96 -11.19 -8.49
CA LEU B 165 -24.98 -10.13 -8.20
C LEU B 165 -24.19 -9.63 -9.38
N SER B 166 -24.12 -10.42 -10.46
CA SER B 166 -23.31 -10.10 -11.62
C SER B 166 -23.71 -10.95 -12.82
N ALA B 167 -23.38 -10.43 -14.01
CA ALA B 167 -23.53 -11.08 -15.31
C ALA B 167 -22.59 -10.43 -16.27
N ASP B 168 -22.30 -11.13 -17.34
CA ASP B 168 -21.45 -10.60 -18.37
C ASP B 168 -21.79 -11.30 -19.69
N TYR B 169 -21.78 -10.54 -20.79
CA TYR B 169 -21.91 -11.11 -22.14
C TYR B 169 -20.51 -11.62 -22.56
N ASP B 170 -20.47 -12.62 -23.45
CA ASP B 170 -19.22 -13.12 -24.03
C ASP B 170 -18.81 -12.05 -25.06
N LEU B 171 -17.67 -12.25 -25.73
CA LEU B 171 -17.11 -11.32 -26.72
C LEU B 171 -18.13 -10.75 -27.74
N LEU B 172 -18.98 -11.61 -28.35
CA LEU B 172 -19.97 -11.15 -29.37
C LEU B 172 -21.39 -10.93 -28.85
N GLY B 173 -21.68 -11.29 -27.59
CA GLY B 173 -23.03 -11.17 -27.04
C GLY B 173 -23.96 -12.24 -27.54
N GLU B 174 -23.44 -13.47 -27.68
CA GLU B 174 -24.19 -14.68 -28.07
C GLU B 174 -24.71 -15.42 -26.83
N LYS B 175 -24.07 -15.18 -25.67
CA LYS B 175 -24.43 -15.81 -24.40
C LYS B 175 -24.07 -14.90 -23.23
N ILE B 176 -24.76 -15.10 -22.10
CA ILE B 176 -24.59 -14.39 -20.84
C ILE B 176 -24.20 -15.43 -19.79
N MET B 177 -23.34 -15.05 -18.86
CA MET B 177 -23.06 -15.87 -17.69
C MET B 177 -23.44 -14.98 -16.50
N SER B 178 -24.23 -15.51 -15.57
CA SER B 178 -24.70 -14.83 -14.38
C SER B 178 -24.35 -15.62 -13.11
N CYS B 179 -24.30 -14.91 -11.97
CA CYS B 179 -23.95 -15.50 -10.67
C CYS B 179 -24.59 -14.70 -9.54
N GLY B 180 -24.69 -15.31 -8.36
CA GLY B 180 -25.24 -14.59 -7.22
C GLY B 180 -25.04 -15.26 -5.88
N MET B 181 -25.95 -14.95 -4.95
CA MET B 181 -26.00 -15.44 -3.59
C MET B 181 -26.32 -16.92 -3.49
N ASP B 182 -26.87 -17.54 -4.57
CA ASP B 182 -27.18 -18.98 -4.55
C ASP B 182 -25.94 -19.84 -4.83
N HIS B 183 -24.75 -19.21 -4.97
CA HIS B 183 -23.44 -19.84 -5.23
C HIS B 183 -23.28 -20.29 -6.68
N SER B 184 -24.37 -20.30 -7.45
CA SER B 184 -24.33 -20.83 -8.81
C SER B 184 -23.85 -19.85 -9.85
N LEU B 185 -23.37 -20.41 -10.98
CA LEU B 185 -22.97 -19.70 -12.19
C LEU B 185 -23.82 -20.31 -13.31
N LYS B 186 -24.71 -19.48 -13.95
CA LYS B 186 -25.64 -19.94 -15.00
C LYS B 186 -25.39 -19.30 -16.35
N LEU B 187 -25.43 -20.16 -17.39
CA LEU B 187 -25.21 -19.75 -18.78
C LEU B 187 -26.54 -19.57 -19.48
N TRP B 188 -26.72 -18.46 -20.21
CA TRP B 188 -27.95 -18.22 -20.96
C TRP B 188 -27.61 -17.77 -22.36
N ARG B 189 -27.88 -18.65 -23.34
CA ARG B 189 -27.65 -18.38 -24.75
C ARG B 189 -28.72 -17.44 -25.31
N ILE B 190 -28.27 -16.39 -26.02
CA ILE B 190 -29.15 -15.39 -26.63
C ILE B 190 -28.98 -15.39 -28.18
N ASN B 191 -28.28 -16.41 -28.70
CA ASN B 191 -28.08 -16.63 -30.14
C ASN B 191 -28.93 -17.80 -30.60
N SER B 192 -29.92 -18.18 -29.77
CA SER B 192 -30.89 -19.24 -30.12
C SER B 192 -31.87 -18.65 -31.15
N LYS B 193 -32.56 -19.48 -31.92
CA LYS B 193 -33.51 -18.96 -32.91
C LYS B 193 -34.57 -18.11 -32.20
N ARG B 194 -35.08 -18.63 -31.05
CA ARG B 194 -36.09 -18.01 -30.20
C ARG B 194 -35.64 -16.62 -29.75
N MET B 195 -34.40 -16.52 -29.23
CA MET B 195 -33.82 -15.28 -28.73
C MET B 195 -33.41 -14.31 -29.84
N MET B 196 -33.04 -14.81 -31.06
CA MET B 196 -32.71 -13.94 -32.21
C MET B 196 -34.01 -13.31 -32.70
N ASN B 197 -35.09 -14.12 -32.77
CA ASN B 197 -36.37 -13.61 -33.27
C ASN B 197 -36.98 -12.61 -32.31
N ALA B 198 -36.76 -12.82 -30.99
CA ALA B 198 -37.24 -11.96 -29.90
C ALA B 198 -36.67 -10.57 -30.01
N ILE B 199 -35.34 -10.49 -30.25
CA ILE B 199 -34.58 -9.24 -30.43
C ILE B 199 -35.07 -8.49 -31.66
N LYS B 200 -35.24 -9.20 -32.81
CA LYS B 200 -35.72 -8.64 -34.09
C LYS B 200 -37.13 -8.11 -33.88
N GLU B 201 -38.02 -8.95 -33.34
CA GLU B 201 -39.42 -8.62 -33.02
C GLU B 201 -39.55 -7.38 -32.13
N SER B 202 -38.67 -7.23 -31.12
CA SER B 202 -38.64 -6.09 -30.19
C SER B 202 -38.36 -4.78 -30.91
N TYR B 203 -37.68 -4.84 -32.08
CA TYR B 203 -37.39 -3.64 -32.87
C TYR B 203 -38.58 -3.19 -33.72
N ASP B 204 -39.48 -4.12 -34.01
CA ASP B 204 -40.69 -3.85 -34.80
C ASP B 204 -41.83 -3.47 -33.85
N ARG B 212 -50.80 -10.69 -34.04
CA ARG B 212 -50.30 -11.15 -32.75
C ARG B 212 -49.28 -10.16 -32.14
N PRO B 213 -49.50 -9.71 -30.86
CA PRO B 213 -48.57 -8.75 -30.24
C PRO B 213 -47.19 -9.31 -29.86
N PHE B 214 -46.23 -8.40 -29.62
CA PHE B 214 -44.92 -8.78 -29.12
C PHE B 214 -45.08 -9.24 -27.66
N ILE B 215 -44.39 -10.37 -27.30
CA ILE B 215 -44.45 -10.96 -25.96
C ILE B 215 -43.06 -11.29 -25.50
N SER B 216 -42.69 -10.73 -24.31
CA SER B 216 -41.39 -10.97 -23.69
C SER B 216 -41.19 -12.45 -23.50
N GLN B 217 -39.97 -12.89 -23.80
CA GLN B 217 -39.57 -14.29 -23.65
C GLN B 217 -39.31 -14.57 -22.21
N LYS B 218 -39.96 -15.60 -21.67
CA LYS B 218 -39.77 -15.99 -20.28
C LYS B 218 -38.90 -17.25 -20.33
N ILE B 219 -37.63 -17.06 -20.08
CA ILE B 219 -36.61 -18.10 -20.12
C ILE B 219 -36.41 -18.70 -18.72
N HIS B 220 -37.02 -19.87 -18.43
CA HIS B 220 -36.93 -20.47 -17.09
C HIS B 220 -35.77 -21.43 -16.88
N PHE B 221 -35.08 -21.79 -17.96
CA PHE B 221 -34.02 -22.78 -17.93
C PHE B 221 -32.72 -22.28 -18.52
N PRO B 222 -31.61 -22.28 -17.76
CA PRO B 222 -30.32 -21.88 -18.34
C PRO B 222 -29.74 -23.00 -19.22
N ASP B 223 -28.72 -22.68 -20.03
CA ASP B 223 -28.03 -23.57 -20.96
C ASP B 223 -26.88 -24.32 -20.31
N PHE B 224 -26.59 -24.00 -19.05
CA PHE B 224 -25.60 -24.61 -18.21
C PHE B 224 -25.73 -23.98 -16.81
N SER B 225 -25.38 -24.73 -15.76
CA SER B 225 -25.40 -24.30 -14.37
C SER B 225 -24.41 -25.08 -13.53
N THR B 226 -23.77 -24.42 -12.56
CA THR B 226 -22.85 -25.06 -11.61
C THR B 226 -22.84 -24.37 -10.25
N ARG B 227 -22.71 -25.14 -9.18
CA ARG B 227 -22.56 -24.64 -7.80
C ARG B 227 -21.24 -25.22 -7.25
N ASP B 228 -20.37 -25.74 -8.16
CA ASP B 228 -19.11 -26.43 -7.87
C ASP B 228 -17.85 -25.57 -7.94
N ILE B 229 -17.96 -24.28 -8.32
CA ILE B 229 -16.75 -23.47 -8.39
C ILE B 229 -16.43 -22.86 -7.03
N HIS B 230 -17.39 -22.15 -6.45
CA HIS B 230 -17.27 -21.43 -5.18
C HIS B 230 -18.23 -22.02 -4.15
N ARG B 231 -17.95 -21.77 -2.86
CA ARG B 231 -18.75 -22.22 -1.73
C ARG B 231 -19.46 -21.06 -1.01
N ASN B 232 -19.40 -19.85 -1.57
CA ASN B 232 -20.08 -18.69 -1.01
C ASN B 232 -20.68 -17.83 -2.17
N TYR B 233 -21.27 -16.66 -1.85
CA TYR B 233 -21.88 -15.73 -2.79
C TYR B 233 -20.93 -15.46 -3.94
N VAL B 234 -21.38 -15.53 -5.21
CA VAL B 234 -20.48 -15.23 -6.33
C VAL B 234 -20.84 -13.79 -6.73
N ASP B 235 -19.96 -12.81 -6.43
CA ASP B 235 -20.29 -11.41 -6.63
C ASP B 235 -19.72 -10.80 -7.89
N CYS B 236 -18.94 -11.55 -8.67
CA CYS B 236 -18.39 -11.02 -9.91
C CYS B 236 -18.10 -12.13 -10.91
N VAL B 237 -18.50 -11.93 -12.17
CA VAL B 237 -18.30 -12.88 -13.27
C VAL B 237 -17.97 -12.14 -14.56
N ARG B 238 -16.93 -12.59 -15.28
CA ARG B 238 -16.52 -12.01 -16.56
C ARG B 238 -15.98 -13.07 -17.45
N TRP B 239 -16.24 -12.93 -18.75
CA TRP B 239 -15.72 -13.87 -19.74
C TRP B 239 -14.27 -13.50 -20.09
N LEU B 240 -13.43 -14.53 -20.30
CA LEU B 240 -12.06 -14.41 -20.77
C LEU B 240 -12.01 -15.40 -21.94
N GLY B 241 -12.47 -14.91 -23.10
CA GLY B 241 -12.69 -15.68 -24.30
C GLY B 241 -13.85 -16.60 -24.02
N ASP B 242 -13.61 -17.90 -24.14
CA ASP B 242 -14.56 -18.97 -23.88
C ASP B 242 -14.39 -19.48 -22.43
N LEU B 243 -13.52 -18.84 -21.65
CA LEU B 243 -13.32 -19.26 -20.27
C LEU B 243 -14.08 -18.33 -19.36
N ILE B 244 -14.21 -18.68 -18.10
CA ILE B 244 -14.91 -17.81 -17.17
C ILE B 244 -14.00 -17.45 -16.03
N LEU B 245 -14.01 -16.18 -15.62
CA LEU B 245 -13.32 -15.71 -14.43
C LEU B 245 -14.44 -15.30 -13.45
N SER B 246 -14.41 -15.86 -12.25
CA SER B 246 -15.41 -15.54 -11.24
C SER B 246 -14.78 -15.53 -9.85
N LYS B 247 -15.34 -14.73 -8.95
CA LYS B 247 -14.82 -14.67 -7.60
C LYS B 247 -15.94 -14.72 -6.60
N SER B 248 -15.62 -15.23 -5.43
CA SER B 248 -16.47 -15.23 -4.25
C SER B 248 -15.68 -14.36 -3.22
N CYS B 249 -15.82 -14.61 -1.92
CA CYS B 249 -15.11 -13.84 -0.90
C CYS B 249 -14.00 -14.69 -0.24
N GLU B 250 -13.55 -15.71 -0.98
CA GLU B 250 -12.56 -16.69 -0.54
C GLU B 250 -11.17 -16.33 -0.99
N ASN B 251 -10.93 -15.04 -1.29
CA ASN B 251 -9.68 -14.38 -1.70
C ASN B 251 -8.99 -15.01 -2.94
N ALA B 252 -9.79 -15.41 -3.93
CA ALA B 252 -9.31 -15.93 -5.21
C ALA B 252 -10.30 -15.62 -6.32
N ILE B 253 -9.78 -15.41 -7.53
CA ILE B 253 -10.54 -15.28 -8.75
C ILE B 253 -10.22 -16.61 -9.44
N VAL B 254 -11.23 -17.44 -9.62
CA VAL B 254 -11.12 -18.76 -10.24
C VAL B 254 -11.37 -18.72 -11.73
N CYS B 255 -10.44 -19.30 -12.48
CA CYS B 255 -10.51 -19.44 -13.93
C CYS B 255 -10.96 -20.87 -14.17
N TRP B 256 -12.16 -21.00 -14.68
CA TRP B 256 -12.75 -22.29 -14.88
C TRP B 256 -13.50 -22.29 -16.21
N LYS B 257 -14.04 -23.47 -16.60
CA LYS B 257 -14.80 -23.62 -17.83
C LYS B 257 -15.87 -24.71 -17.66
N PRO B 258 -17.04 -24.59 -18.36
CA PRO B 258 -18.05 -25.68 -18.29
C PRO B 258 -17.52 -26.93 -19.01
N GLY B 259 -17.97 -28.10 -18.57
CA GLY B 259 -17.56 -29.39 -19.13
C GLY B 259 -16.15 -29.81 -18.76
N LYS B 260 -15.64 -30.86 -19.42
CA LYS B 260 -14.28 -31.41 -19.21
C LYS B 260 -13.23 -30.53 -19.90
N MET B 261 -11.94 -30.92 -19.82
CA MET B 261 -10.83 -30.15 -20.41
C MET B 261 -10.95 -29.88 -21.91
N GLU B 262 -11.19 -30.93 -22.69
CA GLU B 262 -11.27 -30.93 -24.15
C GLU B 262 -12.62 -30.51 -24.74
N ASP B 263 -13.56 -30.00 -23.92
CA ASP B 263 -14.92 -29.62 -24.33
C ASP B 263 -15.13 -28.15 -24.78
N ASP B 264 -15.83 -27.94 -25.92
CA ASP B 264 -16.17 -26.62 -26.48
C ASP B 264 -17.45 -26.10 -25.82
N ILE B 265 -17.42 -24.83 -25.39
CA ILE B 265 -18.54 -24.18 -24.73
C ILE B 265 -19.83 -24.22 -25.57
N ASP B 266 -19.71 -24.17 -26.89
CA ASP B 266 -20.91 -24.18 -27.72
C ASP B 266 -21.37 -25.62 -28.06
N LYS B 267 -20.62 -26.65 -27.60
CA LYS B 267 -20.98 -28.07 -27.78
C LYS B 267 -21.56 -28.67 -26.48
N ILE B 268 -21.46 -27.90 -25.37
CA ILE B 268 -21.96 -28.19 -24.02
C ILE B 268 -23.50 -28.25 -24.01
N LYS B 269 -24.09 -29.38 -23.53
CA LYS B 269 -25.54 -29.57 -23.36
C LYS B 269 -25.98 -29.01 -21.98
N PRO B 270 -27.24 -28.53 -21.80
CA PRO B 270 -27.63 -28.00 -20.46
C PRO B 270 -27.49 -28.95 -19.29
N SER B 271 -27.46 -30.26 -19.58
CA SER B 271 -27.32 -31.37 -18.62
C SER B 271 -25.89 -31.55 -18.09
N GLU B 272 -24.90 -30.92 -18.75
CA GLU B 272 -23.46 -30.94 -18.44
C GLU B 272 -23.19 -30.77 -16.93
N SER B 273 -22.68 -31.83 -16.30
CA SER B 273 -22.41 -31.85 -14.85
C SER B 273 -20.96 -31.58 -14.47
N ASN B 274 -20.06 -31.51 -15.47
CA ASN B 274 -18.64 -31.29 -15.21
C ASN B 274 -18.23 -29.83 -15.35
N VAL B 275 -17.14 -29.47 -14.64
CA VAL B 275 -16.45 -28.19 -14.71
C VAL B 275 -14.95 -28.46 -14.64
N THR B 276 -14.13 -27.60 -15.22
CA THR B 276 -12.68 -27.72 -15.17
C THR B 276 -12.09 -26.44 -14.65
N ILE B 277 -11.31 -26.49 -13.54
CA ILE B 277 -10.62 -25.35 -12.92
C ILE B 277 -9.29 -25.28 -13.60
N LEU B 278 -8.98 -24.15 -14.24
CA LEU B 278 -7.74 -23.96 -14.99
C LEU B 278 -6.68 -23.21 -14.22
N GLY B 279 -7.10 -22.49 -13.18
CA GLY B 279 -6.21 -21.71 -12.34
C GLY B 279 -6.91 -20.77 -11.41
N ARG B 280 -6.13 -20.16 -10.50
CA ARG B 280 -6.58 -19.18 -9.51
C ARG B 280 -5.65 -17.98 -9.49
N PHE B 281 -6.18 -16.83 -9.08
CA PHE B 281 -5.48 -15.55 -8.98
C PHE B 281 -5.66 -15.13 -7.52
N ASP B 282 -4.84 -15.69 -6.64
CA ASP B 282 -4.88 -15.49 -5.20
C ASP B 282 -4.44 -14.09 -4.80
N TYR B 283 -5.09 -13.55 -3.76
CA TYR B 283 -4.82 -12.22 -3.18
C TYR B 283 -5.22 -12.25 -1.68
N SER B 284 -5.24 -11.07 -1.02
CA SER B 284 -5.56 -10.96 0.40
C SER B 284 -6.53 -9.84 0.69
N GLN B 285 -7.12 -9.89 1.87
CA GLN B 285 -8.05 -8.90 2.43
C GLN B 285 -9.10 -8.42 1.42
N CYS B 286 -9.90 -9.36 0.88
CA CYS B 286 -11.00 -9.07 -0.05
C CYS B 286 -12.08 -10.14 0.16
N ASP B 287 -12.39 -10.37 1.46
CA ASP B 287 -13.33 -11.37 1.95
C ASP B 287 -14.71 -10.77 2.32
N ILE B 288 -14.95 -9.53 1.90
CA ILE B 288 -16.24 -8.88 2.14
C ILE B 288 -17.03 -9.01 0.86
N TRP B 289 -18.36 -9.10 0.96
CA TRP B 289 -19.18 -9.15 -0.25
C TRP B 289 -19.11 -7.78 -0.95
N TYR B 290 -19.33 -7.78 -2.27
CA TYR B 290 -19.42 -6.61 -3.14
C TYR B 290 -18.11 -5.95 -3.46
N MET B 291 -17.21 -6.72 -4.08
CA MET B 291 -15.89 -6.22 -4.53
C MET B 291 -15.69 -6.73 -5.96
N ARG B 292 -15.72 -5.80 -6.94
CA ARG B 292 -15.60 -6.20 -8.34
C ARG B 292 -14.22 -6.18 -8.88
N PHE B 293 -13.94 -7.10 -9.80
CA PHE B 293 -12.70 -7.16 -10.54
C PHE B 293 -13.03 -6.64 -11.94
N SER B 294 -12.04 -6.17 -12.71
CA SER B 294 -12.27 -5.66 -14.04
C SER B 294 -11.10 -5.96 -14.91
N MET B 295 -11.33 -6.03 -16.20
CA MET B 295 -10.28 -6.23 -17.16
C MET B 295 -10.18 -4.95 -18.03
N ASP B 296 -9.09 -4.79 -18.74
CA ASP B 296 -8.96 -3.65 -19.64
C ASP B 296 -9.65 -4.01 -20.96
N PHE B 297 -9.77 -3.05 -21.89
CA PHE B 297 -10.47 -3.29 -23.17
C PHE B 297 -9.98 -4.54 -23.90
N TRP B 298 -8.67 -4.80 -23.84
CA TRP B 298 -8.01 -5.89 -24.56
C TRP B 298 -7.86 -7.16 -23.76
N GLN B 299 -8.38 -7.15 -22.50
CA GLN B 299 -8.31 -8.28 -21.57
C GLN B 299 -6.87 -8.79 -21.45
N LYS B 300 -5.93 -7.85 -21.54
CA LYS B 300 -4.48 -8.06 -21.41
C LYS B 300 -4.12 -7.92 -19.94
N MET B 301 -5.00 -7.23 -19.14
CA MET B 301 -4.83 -6.97 -17.71
C MET B 301 -6.09 -7.25 -16.89
N LEU B 302 -5.89 -7.70 -15.64
CA LEU B 302 -6.93 -7.97 -14.66
C LEU B 302 -6.65 -7.08 -13.44
N ALA B 303 -7.68 -6.42 -12.90
CA ALA B 303 -7.52 -5.55 -11.72
C ALA B 303 -8.59 -5.80 -10.67
N LEU B 304 -8.18 -5.82 -9.39
CA LEU B 304 -9.10 -6.00 -8.28
C LEU B 304 -8.60 -5.23 -7.09
N GLY B 305 -9.49 -4.46 -6.49
CA GLY B 305 -9.19 -3.72 -5.28
C GLY B 305 -9.53 -4.56 -4.06
N ASN B 306 -8.88 -4.30 -2.92
CA ASN B 306 -9.14 -5.03 -1.68
C ASN B 306 -9.80 -4.13 -0.64
N GLN B 307 -10.15 -4.67 0.53
CA GLN B 307 -10.90 -3.92 1.53
C GLN B 307 -10.07 -2.88 2.28
N VAL B 308 -8.76 -2.83 2.06
CA VAL B 308 -7.90 -1.86 2.79
C VAL B 308 -7.14 -0.92 1.82
N GLY B 309 -7.65 -0.74 0.60
CA GLY B 309 -7.04 0.19 -0.35
C GLY B 309 -5.91 -0.33 -1.22
N LYS B 310 -5.62 -1.64 -1.16
CA LYS B 310 -4.59 -2.19 -2.03
C LYS B 310 -5.24 -2.54 -3.40
N LEU B 311 -4.52 -2.32 -4.49
CA LEU B 311 -5.02 -2.58 -5.84
C LEU B 311 -4.15 -3.63 -6.49
N TYR B 312 -4.74 -4.78 -6.77
CA TYR B 312 -4.07 -5.91 -7.41
C TYR B 312 -4.23 -5.81 -8.90
N VAL B 313 -3.12 -5.94 -9.64
CA VAL B 313 -3.16 -5.86 -11.11
C VAL B 313 -2.29 -7.02 -11.63
N TRP B 314 -2.87 -7.89 -12.49
CA TRP B 314 -2.22 -9.06 -13.09
C TRP B 314 -2.14 -8.93 -14.60
N ASP B 315 -1.00 -9.30 -15.18
CA ASP B 315 -0.76 -9.33 -16.63
C ASP B 315 -1.25 -10.69 -17.17
N LEU B 316 -2.29 -10.66 -18.01
CA LEU B 316 -2.91 -11.87 -18.57
C LEU B 316 -2.13 -12.49 -19.75
N GLU B 317 -0.96 -11.89 -20.14
CA GLU B 317 -0.10 -12.36 -21.25
C GLU B 317 1.18 -13.06 -20.75
N CYS B 326 1.79 -10.83 -10.69
CA CYS B 326 0.98 -9.86 -9.95
C CYS B 326 1.78 -8.61 -9.54
N THR B 327 1.06 -7.49 -9.32
CA THR B 327 1.57 -6.19 -8.91
C THR B 327 0.56 -5.56 -7.93
N THR B 328 1.05 -4.91 -6.86
CA THR B 328 0.16 -4.27 -5.90
C THR B 328 0.41 -2.78 -5.91
N LEU B 329 -0.67 -2.01 -6.16
CA LEU B 329 -0.66 -0.56 -6.20
C LEU B 329 -1.23 -0.02 -4.89
N THR B 330 -0.37 0.64 -4.12
CA THR B 330 -0.67 1.18 -2.80
C THR B 330 -0.25 2.64 -2.66
N HIS B 331 -0.98 3.36 -1.80
CA HIS B 331 -0.74 4.74 -1.38
C HIS B 331 -1.14 4.81 0.09
N HIS B 332 -0.35 5.49 0.93
CA HIS B 332 -0.62 5.59 2.38
C HIS B 332 -1.97 6.24 2.72
N LYS B 333 -2.48 7.13 1.86
CA LYS B 333 -3.76 7.80 2.12
C LYS B 333 -4.97 6.98 1.65
N CYS B 334 -4.72 5.86 0.91
CA CYS B 334 -5.76 4.96 0.39
C CYS B 334 -5.89 3.74 1.27
N GLY B 335 -6.88 3.75 2.17
CA GLY B 335 -7.15 2.67 3.13
C GLY B 335 -8.56 2.14 3.25
N ALA B 336 -9.49 2.65 2.46
CA ALA B 336 -10.87 2.17 2.48
C ALA B 336 -11.06 1.08 1.38
N ALA B 337 -12.14 0.25 1.48
CA ALA B 337 -12.42 -0.79 0.47
C ALA B 337 -12.56 -0.21 -0.91
N ILE B 338 -11.85 -0.79 -1.90
CA ILE B 338 -11.90 -0.40 -3.31
C ILE B 338 -12.96 -1.30 -3.95
N ARG B 339 -14.17 -0.76 -4.11
CA ARG B 339 -15.34 -1.45 -4.64
C ARG B 339 -15.23 -1.83 -6.11
N GLN B 340 -14.82 -0.88 -6.94
CA GLN B 340 -14.64 -1.11 -8.37
C GLN B 340 -13.51 -0.27 -8.97
N THR B 341 -12.89 -0.81 -10.01
CA THR B 341 -11.85 -0.15 -10.79
C THR B 341 -12.31 -0.11 -12.25
N SER B 342 -11.73 0.79 -13.06
CA SER B 342 -11.99 0.94 -14.50
C SER B 342 -10.73 1.40 -15.20
N PHE B 343 -10.37 0.76 -16.31
CA PHE B 343 -9.23 1.14 -17.12
C PHE B 343 -9.74 2.01 -18.27
N SER B 344 -8.92 2.96 -18.75
CA SER B 344 -9.28 3.73 -19.93
C SER B 344 -9.20 2.75 -21.12
N ARG B 345 -9.80 3.10 -22.27
CA ARG B 345 -9.83 2.23 -23.45
C ARG B 345 -8.42 1.86 -23.98
N ASP B 346 -7.40 2.68 -23.69
CA ASP B 346 -5.99 2.48 -24.06
C ASP B 346 -5.16 1.86 -22.92
N SER B 347 -5.79 1.64 -21.74
CA SER B 347 -5.19 1.08 -20.52
C SER B 347 -4.10 1.97 -19.89
N SER B 348 -3.97 3.22 -20.34
CA SER B 348 -2.97 4.12 -19.79
C SER B 348 -3.36 4.58 -18.37
N ILE B 349 -4.66 4.65 -18.08
CA ILE B 349 -5.22 5.07 -16.78
C ILE B 349 -6.08 3.98 -16.17
N LEU B 350 -5.95 3.81 -14.84
CA LEU B 350 -6.75 2.91 -14.04
C LEU B 350 -7.32 3.73 -12.89
N ILE B 351 -8.66 3.76 -12.76
CA ILE B 351 -9.39 4.48 -11.71
C ILE B 351 -9.97 3.48 -10.68
N ALA B 352 -9.77 3.78 -9.39
CA ALA B 352 -10.26 3.01 -8.25
C ALA B 352 -11.21 3.87 -7.43
N VAL B 353 -12.39 3.34 -7.06
CA VAL B 353 -13.39 4.06 -6.26
C VAL B 353 -13.55 3.35 -4.93
N CYS B 354 -13.69 4.13 -3.84
CA CYS B 354 -13.67 3.62 -2.47
C CYS B 354 -14.92 3.88 -1.64
N ASP B 355 -14.99 3.17 -0.51
CA ASP B 355 -16.04 3.27 0.50
C ASP B 355 -16.11 4.63 1.20
N ASP B 356 -15.00 5.38 1.22
CA ASP B 356 -14.94 6.70 1.85
C ASP B 356 -15.14 7.84 0.84
N ALA B 357 -15.76 7.53 -0.32
CA ALA B 357 -16.07 8.44 -1.42
C ALA B 357 -14.84 8.94 -2.22
N SER B 358 -13.68 8.31 -2.00
CA SER B 358 -12.44 8.68 -2.66
C SER B 358 -12.26 8.02 -4.03
N ILE B 359 -11.53 8.71 -4.91
CA ILE B 359 -11.23 8.33 -6.29
C ILE B 359 -9.72 8.42 -6.42
N TRP B 360 -9.11 7.40 -7.00
CA TRP B 360 -7.67 7.31 -7.15
C TRP B 360 -7.34 7.04 -8.62
N ARG B 361 -6.44 7.87 -9.18
CA ARG B 361 -5.96 7.78 -10.56
C ARG B 361 -4.52 7.25 -10.61
N TRP B 362 -4.35 6.12 -11.33
CA TRP B 362 -3.06 5.46 -11.55
C TRP B 362 -2.75 5.53 -13.04
N ASP B 363 -1.57 6.09 -13.40
CA ASP B 363 -1.12 6.22 -14.78
C ASP B 363 0.04 5.30 -15.11
N ARG B 364 0.00 4.71 -16.34
CA ARG B 364 1.00 3.84 -16.93
C ARG B 364 2.00 4.74 -17.65
CA CA C . 30.22 24.30 9.35
C1 L9W D . 4.92 -4.04 14.56
C2 L9W D . 5.53 -3.22 13.62
C3 L9W D . 6.45 -2.28 14.02
C4 L9W D . 6.80 -2.15 15.37
C5 L9W D . 6.18 -3.00 16.31
C6 L9W D . 5.25 -3.93 15.91
C7 L9W D . 7.80 -1.15 15.79
C8 L9W D . 9.04 -1.07 15.14
C11 L9W D . 8.13 1.45 18.17
C12 L9W D . 12.10 1.59 16.12
C15 L9W D . 11.74 4.15 13.32
C16 L9W D . 11.95 3.40 12.18
C17 L9W D . 12.19 2.04 12.34
C18 L9W D . 12.27 1.44 13.58
C19 L9W D . 12.58 -0.02 13.45
O1 L9W D . 3.08 -5.78 15.20
S L9W D . 3.73 -5.24 14.03
O L9W D . 2.90 -4.64 13.02
C L9W D . 4.69 -6.49 13.28
C10 L9W D . 7.57 -0.19 16.83
N2 L9W D . 6.54 0.04 17.63
N3 L9W D . 6.92 1.09 18.49
N1 L9W D . 8.60 0.70 17.14
C9 L9W D . 9.83 0.68 16.45
N L9W D . 10.02 -0.14 15.43
N4 L9W D . 10.80 1.54 16.78
C13 L9W D . 12.08 2.22 14.74
C20 L9W D . 12.66 -0.18 11.93
O2 L9W D . 12.36 1.11 11.32
C14 L9W D . 11.81 3.58 14.59
C1 PV5 E . -23.93 -1.44 0.70
C2 PV5 E . -23.17 -2.33 -0.13
C3 PV5 E . -21.96 -2.80 0.38
N6 PV5 E . -18.21 -8.15 -6.76
C7 PV5 E . -22.81 -2.57 -2.57
C8 PV5 E . -24.21 -3.59 -4.08
C9 PV5 E . -24.82 -3.54 -1.69
C10 PV5 E . -26.33 -4.52 -2.95
C11 PV5 E . -23.57 -3.79 -6.45
C12 PV5 E . -22.42 -4.76 -6.42
C13 PV5 E . -22.52 -6.14 -6.60
C14 PV5 E . -21.46 -6.99 -6.67
C15 PV5 E . -20.17 -6.49 -6.59
C16 PV5 E . -20.00 -5.12 -6.44
C19 PV5 E . -19.05 -3.07 -6.17
C20 PV5 E . -19.06 -7.40 -6.67
F PV5 E . -23.77 -6.67 -6.62
O PV5 E . -18.79 -4.48 -6.34
C18 PV5 E . -20.56 -2.87 -6.22
C17 PV5 E . -21.09 -4.27 -6.36
N5 PV5 E . -24.49 -3.99 -5.34
N1 PV5 E . -23.11 -2.91 -3.87
N2 PV5 E . -25.12 -3.91 -3.00
N4 PV5 E . -26.79 -4.52 -1.72
N3 PV5 E . -25.83 -3.89 -0.91
C6 PV5 E . -23.61 -2.78 -1.48
C4 PV5 E . -21.52 -2.41 1.63
C5 PV5 E . -22.31 -1.54 2.35
N PV5 E . -23.49 -1.06 1.91
C PV5 E . -25.24 -0.84 0.29
#